data_7C3J
#
_entry.id   7C3J
#
_cell.length_a   114.920
_cell.length_b   169.680
_cell.length_c   118.530
_cell.angle_alpha   90.000
_cell.angle_beta   90.000
_cell.angle_gamma   90.000
#
_symmetry.space_group_name_H-M   'C 2 2 21'
#
loop_
_entity.id
_entity.type
_entity.pdbx_description
1 polymer 'L-lysine oxidase'
2 non-polymer 'FLAVIN-ADENINE DINUCLEOTIDE'
3 non-polymer PHENYLALANINE
4 non-polymer 'SULFATE ION'
5 non-polymer GLYCEROL
6 water water
#
_entity_poly.entity_id   1
_entity_poly.type   'polypeptide(L)'
_entity_poly.pdbx_seq_one_letter_code
;AEEELPPRKVCIVGAGVSGLYIAMILDDLKIPNLTYDIFESSSRTGGRLYTHHFTDAKHDYYDIGAMRYPDIPSMKRTFN
LFKRTGMPLIKYYLDGENTPQLYNNHFFAKGVVDPYMVSVANGGTVPDDVVDSVGEKLQQAFGYYKEKLAEDFDKGFDEL
MLVDDMTTREYLKRGGPKGEAPKYDFFAIQWMETQNTGTNLFDQAFSESVIASFDFDNPTKPEWYCIEGGTSLLVDAMKE
TLVHKVQNNKRVEAISIDLDAPDDGNMSVKIGGKDYSGYSTVFNTTALGCLDRMDLRGLNLHPTQADAIRCLHYANSTKV
ALKFSYPWWIKDCGITCGGAASTDLPLRTCVYPSYNLGDTGEAVLLASYTWSQDATRIGSLVKDAPPQPPKEDELVELIL
QNLARLHAEHMTYEKIKEAYTGVYHAYCWANDPNVGGAFALFGPGQFSNLYPYLMRPAAGGKFHIVGEASSVHHAWIIGS
LESAYTAVYQFLYKYKMWDYLRLLLERWQYGLQELETGKHGTAHLQFILGSLPKEYQVKI
;
_entity_poly.pdbx_strand_id   A,B
#
# COMPACT_ATOMS: atom_id res chain seq x y z
N GLU A 4 45.56 26.02 -5.69
CA GLU A 4 44.30 25.65 -6.32
C GLU A 4 43.72 24.38 -5.68
N LEU A 5 42.43 24.15 -5.91
CA LEU A 5 41.81 22.92 -5.47
C LEU A 5 42.08 21.81 -6.48
N PRO A 6 42.34 20.60 -6.02
CA PRO A 6 42.48 19.48 -6.95
C PRO A 6 41.17 19.24 -7.68
N PRO A 7 41.23 18.76 -8.91
CA PRO A 7 39.99 18.46 -9.63
C PRO A 7 39.19 17.39 -8.90
N ARG A 8 37.90 17.64 -8.72
CA ARG A 8 37.01 16.70 -8.08
C ARG A 8 35.72 16.60 -8.87
N LYS A 9 35.10 15.42 -8.79
CA LYS A 9 33.86 15.10 -9.49
C LYS A 9 32.92 14.44 -8.48
N VAL A 10 31.68 14.93 -8.41
CA VAL A 10 30.67 14.30 -7.58
C VAL A 10 29.57 13.79 -8.48
N CYS A 11 28.82 12.81 -7.97
CA CYS A 11 27.73 12.19 -8.71
C CYS A 11 26.42 12.47 -8.01
N ILE A 12 25.42 12.92 -8.77
CA ILE A 12 24.08 13.18 -8.28
C ILE A 12 23.16 12.13 -8.90
N VAL A 13 22.64 11.23 -8.07
CA VAL A 13 21.73 10.20 -8.53
C VAL A 13 20.31 10.75 -8.43
N GLY A 14 19.68 10.99 -9.58
CA GLY A 14 18.32 11.47 -9.60
C GLY A 14 18.18 12.92 -10.00
N ALA A 15 17.31 13.20 -10.97
CA ALA A 15 17.09 14.56 -11.43
C ALA A 15 15.72 15.07 -11.02
N GLY A 16 15.34 14.83 -9.77
CA GLY A 16 14.20 15.49 -9.18
C GLY A 16 14.63 16.85 -8.66
N VAL A 17 13.78 17.44 -7.82
CA VAL A 17 14.09 18.78 -7.33
C VAL A 17 15.25 18.76 -6.36
N SER A 18 15.50 17.64 -5.68
CA SER A 18 16.67 17.53 -4.81
C SER A 18 17.95 17.61 -5.61
N GLY A 19 18.11 16.73 -6.60
CA GLY A 19 19.33 16.70 -7.38
C GLY A 19 19.54 17.95 -8.21
N LEU A 20 18.46 18.54 -8.71
CA LEU A 20 18.59 19.79 -9.45
C LEU A 20 19.01 20.92 -8.53
N TYR A 21 18.53 20.92 -7.28
CA TYR A 21 18.91 21.94 -6.31
C TYR A 21 20.38 21.82 -5.93
N ILE A 22 20.86 20.58 -5.72
CA ILE A 22 22.28 20.36 -5.45
C ILE A 22 23.12 20.97 -6.57
N ALA A 23 22.79 20.63 -7.82
CA ALA A 23 23.55 21.14 -8.95
C ALA A 23 23.46 22.66 -9.03
N MET A 24 22.29 23.23 -8.72
CA MET A 24 22.14 24.67 -8.76
C MET A 24 22.98 25.34 -7.68
N ILE A 25 23.06 24.74 -6.49
CA ILE A 25 23.92 25.28 -5.45
C ILE A 25 25.38 25.20 -5.88
N LEU A 26 25.82 24.03 -6.35
CA LEU A 26 27.19 23.88 -6.81
C LEU A 26 27.49 24.82 -7.97
N ASP A 27 26.54 25.00 -8.88
CA ASP A 27 26.73 25.95 -9.97
C ASP A 27 26.92 27.37 -9.43
N ASP A 28 26.16 27.72 -8.39
CA ASP A 28 26.24 29.07 -7.84
C ASP A 28 27.55 29.29 -7.10
N LEU A 29 28.04 28.28 -6.38
CA LEU A 29 29.28 28.42 -5.62
C LEU A 29 30.51 28.49 -6.52
N LYS A 30 30.40 28.00 -7.75
CA LYS A 30 31.48 27.98 -8.75
C LYS A 30 32.82 27.59 -8.13
N ILE A 31 32.85 26.38 -7.58
CA ILE A 31 34.04 25.84 -6.93
C ILE A 31 35.04 25.40 -8.00
N PRO A 32 36.26 25.94 -7.98
CA PRO A 32 37.22 25.67 -9.06
C PRO A 32 37.54 24.19 -9.16
N ASN A 33 37.51 23.69 -10.40
CA ASN A 33 37.85 22.32 -10.76
C ASN A 33 36.91 21.28 -10.17
N LEU A 34 35.75 21.70 -9.68
CA LEU A 34 34.71 20.79 -9.24
C LEU A 34 33.69 20.61 -10.35
N THR A 35 33.37 19.36 -10.66
CA THR A 35 32.36 19.03 -11.66
C THR A 35 31.38 18.03 -11.07
N TYR A 36 30.32 17.74 -11.82
CA TYR A 36 29.35 16.74 -11.38
C TYR A 36 28.70 16.08 -12.59
N ASP A 37 28.19 14.87 -12.36
CA ASP A 37 27.31 14.18 -13.28
C ASP A 37 25.97 13.97 -12.61
N ILE A 38 24.89 14.28 -13.33
CA ILE A 38 23.54 13.97 -12.88
C ILE A 38 23.00 12.84 -13.73
N PHE A 39 22.72 11.70 -13.10
CA PHE A 39 22.13 10.55 -13.75
C PHE A 39 20.66 10.45 -13.34
N GLU A 40 19.78 10.35 -14.32
CA GLU A 40 18.34 10.21 -14.09
C GLU A 40 17.87 8.91 -14.74
N SER A 41 17.18 8.08 -13.95
CA SER A 41 16.72 6.79 -14.46
C SER A 41 15.70 6.96 -15.58
N SER A 42 14.79 7.92 -15.42
CA SER A 42 13.70 8.10 -16.37
C SER A 42 14.15 8.94 -17.55
N SER A 43 13.46 8.76 -18.68
CA SER A 43 13.63 9.67 -19.81
C SER A 43 13.15 11.07 -19.49
N ARG A 44 12.39 11.24 -18.41
CA ARG A 44 11.85 12.51 -17.98
C ARG A 44 12.63 13.04 -16.78
N THR A 45 12.77 14.37 -16.73
CA THR A 45 13.45 15.05 -15.64
C THR A 45 12.42 15.76 -14.77
N GLY A 46 12.60 15.69 -13.46
CA GLY A 46 11.72 16.39 -12.55
C GLY A 46 11.19 15.56 -11.41
N GLY A 47 11.16 14.25 -11.59
CA GLY A 47 10.70 13.36 -10.54
C GLY A 47 9.25 13.64 -10.17
N ARG A 48 9.02 13.95 -8.90
CA ARG A 48 7.68 14.19 -8.38
C ARG A 48 7.21 15.63 -8.59
N LEU A 49 7.95 16.42 -9.36
CA LEU A 49 7.42 17.63 -9.98
C LEU A 49 7.05 17.25 -11.40
N TYR A 50 5.74 17.18 -11.68
CA TYR A 50 5.27 16.50 -12.88
C TYR A 50 3.93 17.10 -13.29
N THR A 51 3.96 18.05 -14.22
CA THR A 51 2.75 18.61 -14.80
C THR A 51 2.37 17.81 -16.04
N HIS A 52 1.12 17.37 -16.10
CA HIS A 52 0.58 16.72 -17.29
C HIS A 52 -0.18 17.74 -18.11
N HIS A 53 0.24 17.94 -19.36
CA HIS A 53 -0.40 18.89 -20.26
C HIS A 53 -1.27 18.11 -21.25
N PHE A 54 -2.58 18.30 -21.16
CA PHE A 54 -3.50 17.68 -22.11
C PHE A 54 -3.27 18.23 -23.51
N THR A 55 -3.17 19.54 -23.63
CA THR A 55 -2.71 20.22 -24.83
C THR A 55 -1.78 21.35 -24.39
N ASP A 56 -1.29 22.13 -25.36
CA ASP A 56 -0.48 23.30 -25.07
CA ASP A 56 -0.47 23.28 -25.05
C ASP A 56 -1.30 24.52 -24.71
N ALA A 57 -2.62 24.41 -24.69
CA ALA A 57 -3.46 25.53 -24.28
C ALA A 57 -3.08 25.97 -22.87
N LYS A 58 -3.36 27.24 -22.58
CA LYS A 58 -2.73 27.91 -21.44
C LYS A 58 -2.97 27.18 -20.13
N HIS A 59 -4.23 26.81 -19.86
CA HIS A 59 -4.61 26.22 -18.58
C HIS A 59 -4.99 24.74 -18.70
N ASP A 60 -4.57 24.07 -19.77
CA ASP A 60 -5.03 22.72 -20.05
C ASP A 60 -4.05 21.70 -19.46
N TYR A 61 -3.98 21.67 -18.13
CA TYR A 61 -3.02 20.82 -17.45
C TYR A 61 -3.52 20.52 -16.04
N TYR A 62 -2.84 19.57 -15.41
CA TYR A 62 -2.92 19.38 -13.96
C TYR A 62 -1.59 18.83 -13.48
N ASP A 63 -1.28 19.06 -12.22
CA ASP A 63 -0.01 18.65 -11.64
C ASP A 63 -0.17 17.27 -11.00
N ILE A 64 0.57 16.30 -11.53
CA ILE A 64 0.53 14.94 -10.99
C ILE A 64 1.21 14.90 -9.63
N GLY A 65 2.30 15.65 -9.46
CA GLY A 65 2.99 15.73 -8.19
C GLY A 65 2.68 17.00 -7.44
N ALA A 66 3.72 17.77 -7.10
CA ALA A 66 3.54 18.98 -6.31
C ALA A 66 2.68 20.00 -7.07
N MET A 67 1.88 20.76 -6.31
CA MET A 67 0.96 21.69 -6.96
C MET A 67 0.61 22.92 -6.13
N ARG A 68 0.73 22.85 -4.80
CA ARG A 68 0.29 23.94 -3.94
C ARG A 68 1.32 24.19 -2.85
N TYR A 69 1.46 25.47 -2.46
CA TYR A 69 2.55 25.87 -1.57
C TYR A 69 2.08 26.88 -0.53
N PRO A 70 2.11 26.53 0.76
CA PRO A 70 1.69 27.47 1.81
C PRO A 70 2.82 28.42 2.17
N ASP A 71 2.49 29.72 2.21
CA ASP A 71 3.46 30.76 2.52
C ASP A 71 3.59 30.88 4.04
N ILE A 72 4.30 29.91 4.61
CA ILE A 72 4.58 29.89 6.05
C ILE A 72 6.09 29.98 6.20
N PRO A 73 6.58 30.46 7.35
CA PRO A 73 8.04 30.66 7.51
C PRO A 73 8.87 29.42 7.22
N SER A 74 8.41 28.24 7.62
CA SER A 74 9.16 27.01 7.38
C SER A 74 9.28 26.66 5.90
N MET A 75 8.54 27.35 5.03
CA MET A 75 8.56 27.12 3.60
C MET A 75 9.35 28.16 2.83
N LYS A 76 10.14 28.98 3.53
CA LYS A 76 10.79 30.13 2.89
C LYS A 76 11.75 29.69 1.79
N ARG A 77 12.48 28.60 2.01
CA ARG A 77 13.46 28.16 1.01
C ARG A 77 12.77 27.77 -0.30
N THR A 78 11.54 27.28 -0.23
CA THR A 78 10.82 26.92 -1.46
C THR A 78 10.46 28.17 -2.26
N PHE A 79 9.91 29.19 -1.57
CA PHE A 79 9.54 30.41 -2.28
C PHE A 79 10.77 31.18 -2.74
N ASN A 80 11.88 31.07 -2.00
CA ASN A 80 13.15 31.60 -2.50
C ASN A 80 13.52 30.94 -3.83
N LEU A 81 13.34 29.63 -3.92
CA LEU A 81 13.59 28.94 -5.18
C LEU A 81 12.63 29.40 -6.27
N PHE A 82 11.36 29.62 -5.91
CA PHE A 82 10.40 30.19 -6.85
C PHE A 82 10.87 31.57 -7.32
N LYS A 83 11.23 32.44 -6.37
CA LYS A 83 11.71 33.77 -6.69
C LYS A 83 12.95 33.71 -7.57
N ARG A 84 13.89 32.84 -7.22
CA ARG A 84 15.16 32.73 -7.95
C ARG A 84 14.94 32.33 -9.41
N THR A 85 13.94 31.50 -9.69
CA THR A 85 13.70 31.00 -11.03
C THR A 85 12.60 31.77 -11.77
N GLY A 86 12.04 32.80 -11.15
CA GLY A 86 11.02 33.61 -11.81
C GLY A 86 9.70 32.91 -12.02
N MET A 87 9.29 32.07 -11.08
CA MET A 87 8.07 31.29 -11.26
C MET A 87 6.84 32.19 -11.29
N PRO A 88 5.94 32.01 -12.26
CA PRO A 88 4.69 32.78 -12.25
C PRO A 88 3.72 32.28 -11.17
N LEU A 89 3.85 32.83 -9.97
CA LEU A 89 3.03 32.39 -8.85
C LEU A 89 1.68 33.09 -8.85
N ILE A 90 0.63 32.32 -8.58
CA ILE A 90 -0.73 32.83 -8.44
C ILE A 90 -1.30 32.27 -7.15
N LYS A 91 -2.40 32.87 -6.71
CA LYS A 91 -3.02 32.43 -5.46
C LYS A 91 -3.71 31.09 -5.65
N TYR A 92 -3.50 30.18 -4.70
CA TYR A 92 -4.17 28.90 -4.64
C TYR A 92 -5.19 28.96 -3.51
N TYR A 93 -6.40 28.47 -3.77
CA TYR A 93 -7.49 28.52 -2.79
C TYR A 93 -7.64 27.13 -2.18
N LEU A 94 -7.05 26.94 -0.99
CA LEU A 94 -7.27 25.72 -0.24
C LEU A 94 -8.74 25.55 0.10
N ASP A 95 -9.38 26.62 0.53
CA ASP A 95 -10.80 26.66 0.79
C ASP A 95 -11.48 27.50 -0.29
N GLY A 96 -12.66 27.05 -0.71
CA GLY A 96 -13.41 27.80 -1.70
C GLY A 96 -14.80 28.16 -1.25
N GLU A 97 -15.63 28.63 -2.17
CA GLU A 97 -17.03 28.87 -1.90
C GLU A 97 -17.83 27.66 -2.38
N ASN A 98 -18.84 27.29 -1.58
CA ASN A 98 -19.88 26.35 -1.99
C ASN A 98 -19.35 24.95 -2.29
N THR A 99 -18.23 24.56 -1.68
CA THR A 99 -17.72 23.21 -1.93
C THR A 99 -18.52 22.19 -1.12
N PRO A 100 -19.08 21.17 -1.77
CA PRO A 100 -19.89 20.18 -1.04
C PRO A 100 -19.04 19.20 -0.25
N GLN A 101 -19.63 18.69 0.83
CA GLN A 101 -19.05 17.62 1.62
C GLN A 101 -20.10 16.54 1.79
N LEU A 102 -19.76 15.29 1.46
CA LEU A 102 -20.74 14.21 1.37
C LEU A 102 -20.24 12.99 2.13
N TYR A 103 -20.86 12.70 3.27
CA TYR A 103 -20.54 11.51 4.05
C TYR A 103 -21.83 10.81 4.45
N ASN A 104 -21.81 9.47 4.39
CA ASN A 104 -22.99 8.64 4.66
C ASN A 104 -24.17 9.08 3.79
N ASN A 105 -23.87 9.50 2.56
CA ASN A 105 -24.87 9.94 1.58
C ASN A 105 -25.68 11.14 2.09
N HIS A 106 -25.09 11.93 2.98
CA HIS A 106 -25.68 13.16 3.47
C HIS A 106 -24.72 14.31 3.22
N PHE A 107 -25.26 15.48 2.87
CA PHE A 107 -24.44 16.66 2.67
C PHE A 107 -24.26 17.41 3.97
N PHE A 108 -23.13 18.11 4.08
CA PHE A 108 -22.87 18.90 5.26
C PHE A 108 -23.79 20.12 5.30
N ALA A 109 -24.18 20.50 6.52
CA ALA A 109 -24.98 21.69 6.74
C ALA A 109 -24.54 22.31 8.06
N LYS A 110 -24.22 23.60 8.03
CA LYS A 110 -23.73 24.28 9.21
C LYS A 110 -24.86 24.50 10.22
N GLY A 111 -24.50 24.40 11.49
CA GLY A 111 -25.43 24.64 12.57
C GLY A 111 -26.40 23.51 12.83
N VAL A 112 -26.16 22.34 12.25
CA VAL A 112 -27.03 21.19 12.38
C VAL A 112 -26.29 20.09 13.13
N VAL A 113 -26.98 19.48 14.10
CA VAL A 113 -26.39 18.38 14.86
C VAL A 113 -26.29 17.14 13.97
N ASP A 114 -25.09 16.59 13.87
CA ASP A 114 -24.85 15.33 13.17
C ASP A 114 -25.52 15.32 11.79
N PRO A 115 -25.12 16.21 10.88
CA PRO A 115 -25.78 16.25 9.57
C PRO A 115 -25.57 15.00 8.75
N TYR A 116 -24.54 14.22 9.03
CA TYR A 116 -24.24 13.01 8.28
C TYR A 116 -24.94 11.76 8.84
N MET A 117 -25.63 11.88 9.98
CA MET A 117 -26.38 10.77 10.57
C MET A 117 -25.46 9.61 10.97
N VAL A 118 -24.31 9.93 11.55
CA VAL A 118 -23.34 8.91 11.96
C VAL A 118 -23.17 8.81 13.47
N SER A 119 -23.78 9.71 14.23
CA SER A 119 -23.62 9.68 15.68
C SER A 119 -24.49 8.58 16.29
N VAL A 120 -24.19 8.25 17.55
CA VAL A 120 -24.96 7.24 18.28
C VAL A 120 -26.42 7.65 18.37
N ALA A 121 -26.68 8.95 18.55
CA ALA A 121 -28.05 9.43 18.70
C ALA A 121 -28.89 9.13 17.47
N ASN A 122 -28.26 8.98 16.31
CA ASN A 122 -28.98 8.72 15.06
C ASN A 122 -28.74 7.31 14.54
N GLY A 123 -28.30 6.39 15.39
CA GLY A 123 -28.11 5.01 14.99
C GLY A 123 -26.73 4.65 14.50
N GLY A 124 -25.79 5.59 14.49
CA GLY A 124 -24.41 5.30 14.18
C GLY A 124 -23.62 4.91 15.42
N THR A 125 -22.30 4.92 15.28
CA THR A 125 -21.43 4.58 16.39
C THR A 125 -20.49 5.72 16.80
N VAL A 126 -20.54 6.85 16.11
CA VAL A 126 -19.69 7.99 16.47
C VAL A 126 -20.27 8.65 17.72
N PRO A 127 -19.47 8.85 18.77
CA PRO A 127 -19.98 9.50 19.97
C PRO A 127 -20.57 10.88 19.67
N ASP A 128 -21.69 11.19 20.33
CA ASP A 128 -22.40 12.43 20.06
C ASP A 128 -21.52 13.65 20.26
N ASP A 129 -20.63 13.61 21.27
CA ASP A 129 -19.76 14.74 21.56
C ASP A 129 -18.55 14.81 20.63
N VAL A 130 -18.39 13.85 19.72
CA VAL A 130 -17.27 13.83 18.79
C VAL A 130 -17.70 14.19 17.38
N VAL A 131 -18.91 13.78 16.98
CA VAL A 131 -19.29 13.79 15.57
C VAL A 131 -19.16 15.18 14.95
N ASP A 132 -19.46 16.22 15.72
CA ASP A 132 -19.43 17.59 15.21
C ASP A 132 -18.21 18.37 15.67
N SER A 133 -17.28 17.75 16.40
CA SER A 133 -16.14 18.45 16.98
C SER A 133 -14.79 17.87 16.56
N VAL A 134 -14.70 17.35 15.33
CA VAL A 134 -13.45 16.73 14.90
C VAL A 134 -12.33 17.77 14.85
N GLY A 135 -12.58 18.90 14.19
CA GLY A 135 -11.56 19.92 14.08
C GLY A 135 -11.07 20.42 15.44
N GLU A 136 -11.99 20.58 16.39
CA GLU A 136 -11.68 21.07 17.71
C GLU A 136 -10.96 20.07 18.60
N LYS A 137 -11.27 18.78 18.45
CA LYS A 137 -10.62 17.77 19.27
C LYS A 137 -9.25 17.40 18.73
N LEU A 138 -9.09 17.43 17.41
CA LEU A 138 -7.76 17.25 16.82
C LEU A 138 -6.87 18.46 17.11
N GLN A 139 -7.45 19.66 17.10
CA GLN A 139 -6.70 20.84 17.51
C GLN A 139 -6.24 20.72 18.95
N GLN A 140 -7.09 20.18 19.82
CA GLN A 140 -6.69 19.95 21.20
C GLN A 140 -5.58 18.90 21.29
N ALA A 141 -5.54 17.95 20.37
CA ALA A 141 -4.51 16.92 20.39
C ALA A 141 -3.22 17.37 19.72
N PHE A 142 -3.31 18.17 18.67
CA PHE A 142 -2.14 18.63 17.93
C PHE A 142 -1.68 20.03 18.32
N GLY A 143 -2.54 20.82 18.94
CA GLY A 143 -2.31 22.26 19.00
C GLY A 143 -1.08 22.65 19.81
N TYR A 144 -0.81 21.94 20.90
CA TYR A 144 0.37 22.24 21.69
C TYR A 144 1.63 22.15 20.83
N TYR A 145 1.79 21.05 20.11
CA TYR A 145 2.97 20.87 19.28
C TYR A 145 2.93 21.76 18.04
N LYS A 146 1.74 22.06 17.53
CA LYS A 146 1.63 22.94 16.37
C LYS A 146 2.13 24.34 16.70
N GLU A 147 1.83 24.84 17.91
CA GLU A 147 2.32 26.15 18.30
C GLU A 147 3.82 26.14 18.53
N LYS A 148 4.35 25.06 19.10
CA LYS A 148 5.79 24.95 19.28
C LYS A 148 6.51 24.91 17.94
N LEU A 149 5.93 24.21 16.96
CA LEU A 149 6.50 24.21 15.61
C LEU A 149 6.43 25.59 14.98
N ALA A 150 5.39 26.37 15.30
CA ALA A 150 5.27 27.71 14.74
C ALA A 150 6.34 28.65 15.27
N GLU A 151 6.76 28.47 16.52
CA GLU A 151 7.82 29.31 17.07
C GLU A 151 9.17 28.97 16.45
N ASP A 152 9.53 27.69 16.49
CA ASP A 152 10.81 27.21 15.99
C ASP A 152 10.57 25.76 15.57
N PHE A 153 10.59 25.50 14.26
CA PHE A 153 10.23 24.17 13.78
C PHE A 153 11.14 23.10 14.36
N ASP A 154 12.45 23.36 14.40
CA ASP A 154 13.40 22.35 14.87
C ASP A 154 13.20 22.05 16.35
N LYS A 155 13.08 23.08 17.18
CA LYS A 155 12.86 22.86 18.60
C LYS A 155 11.50 22.24 18.86
N GLY A 156 10.48 22.65 18.11
CA GLY A 156 9.18 22.02 18.23
C GLY A 156 9.20 20.56 17.80
N PHE A 157 10.01 20.25 16.78
CA PHE A 157 10.14 18.87 16.34
C PHE A 157 10.80 18.00 17.41
N ASP A 158 11.84 18.53 18.06
CA ASP A 158 12.53 17.76 19.09
C ASP A 158 11.63 17.49 20.29
N GLU A 159 10.75 18.43 20.63
CA GLU A 159 9.77 18.18 21.69
C GLU A 159 8.72 17.18 21.22
N LEU A 160 8.31 17.28 19.95
CA LEU A 160 7.36 16.32 19.40
C LEU A 160 7.92 14.90 19.41
N MET A 161 9.24 14.76 19.25
CA MET A 161 9.85 13.44 19.22
C MET A 161 9.65 12.67 20.52
N LEU A 162 9.38 13.38 21.63
CA LEU A 162 9.19 12.72 22.91
C LEU A 162 7.91 11.90 22.99
N VAL A 163 7.03 12.00 21.98
CA VAL A 163 5.85 11.16 21.87
C VAL A 163 5.81 10.41 20.55
N ASP A 164 6.93 10.36 19.82
CA ASP A 164 6.95 9.78 18.48
C ASP A 164 6.76 8.26 18.48
N ASP A 165 6.86 7.60 19.63
CA ASP A 165 6.59 6.17 19.67
C ASP A 165 5.12 5.85 19.40
N MET A 166 4.24 6.84 19.48
CA MET A 166 2.81 6.61 19.39
C MET A 166 2.29 6.89 17.98
N THR A 167 1.33 6.10 17.55
CA THR A 167 0.51 6.45 16.39
C THR A 167 -0.51 7.49 16.80
N THR A 168 -1.17 8.08 15.80
CA THR A 168 -2.24 9.04 16.09
C THR A 168 -3.38 8.36 16.84
N ARG A 169 -3.80 7.17 16.37
CA ARG A 169 -4.85 6.42 17.04
C ARG A 169 -4.44 6.09 18.48
N GLU A 170 -3.18 5.68 18.68
CA GLU A 170 -2.69 5.37 20.02
C GLU A 170 -2.75 6.59 20.92
N TYR A 171 -2.31 7.74 20.41
CA TYR A 171 -2.35 8.98 21.19
C TYR A 171 -3.78 9.34 21.55
N LEU A 172 -4.72 9.14 20.63
CA LEU A 172 -6.11 9.48 20.90
C LEU A 172 -6.75 8.46 21.83
N LYS A 173 -6.35 7.19 21.71
CA LYS A 173 -6.97 6.14 22.53
C LYS A 173 -6.56 6.28 23.99
N ARG A 174 -5.29 6.57 24.26
CA ARG A 174 -4.75 6.56 25.61
C ARG A 174 -4.76 7.93 26.27
N GLY A 175 -5.23 8.97 25.58
CA GLY A 175 -5.17 10.30 26.15
C GLY A 175 -3.74 10.79 26.27
N GLY A 176 -2.96 10.61 25.22
CA GLY A 176 -1.60 11.08 25.21
C GLY A 176 -0.65 10.16 25.95
N PRO A 177 0.57 10.67 26.22
CA PRO A 177 1.63 9.80 26.74
C PRO A 177 1.40 9.30 28.17
N LYS A 178 0.60 9.99 28.98
CA LYS A 178 0.36 9.55 30.35
C LYS A 178 -1.11 9.59 30.73
N GLY A 179 -2.01 9.66 29.75
CA GLY A 179 -3.43 9.55 30.02
C GLY A 179 -4.08 10.79 30.59
N GLU A 180 -3.44 11.94 30.50
CA GLU A 180 -4.02 13.18 31.00
C GLU A 180 -4.72 13.99 29.92
N ALA A 181 -4.67 13.54 28.67
CA ALA A 181 -5.49 14.08 27.60
C ALA A 181 -6.77 13.28 27.50
N PRO A 182 -7.77 13.76 26.75
CA PRO A 182 -9.00 12.98 26.59
C PRO A 182 -8.75 11.66 25.90
N LYS A 183 -9.50 10.63 26.32
CA LYS A 183 -9.43 9.30 25.73
C LYS A 183 -10.65 9.09 24.85
N TYR A 184 -10.43 8.55 23.65
CA TYR A 184 -11.48 8.39 22.66
C TYR A 184 -11.61 6.92 22.26
N ASP A 185 -12.85 6.46 22.08
CA ASP A 185 -13.06 5.08 21.66
C ASP A 185 -12.75 4.93 20.17
N PHE A 186 -12.82 3.68 19.70
CA PHE A 186 -12.39 3.38 18.34
C PHE A 186 -13.17 4.20 17.31
N PHE A 187 -14.48 4.33 17.47
CA PHE A 187 -15.30 4.96 16.45
C PHE A 187 -15.08 6.47 16.41
N ALA A 188 -14.80 7.09 17.56
CA ALA A 188 -14.46 8.51 17.56
C ALA A 188 -13.16 8.76 16.81
N ILE A 189 -12.14 7.96 17.10
CA ILE A 189 -10.87 8.05 16.37
C ILE A 189 -11.11 7.77 14.88
N GLN A 190 -11.94 6.77 14.58
CA GLN A 190 -12.22 6.41 13.20
C GLN A 190 -12.89 7.56 12.45
N TRP A 191 -13.85 8.23 13.10
CA TRP A 191 -14.49 9.38 12.48
C TRP A 191 -13.51 10.53 12.30
N MET A 192 -12.65 10.75 13.30
CA MET A 192 -11.62 11.79 13.18
C MET A 192 -10.72 11.54 11.98
N GLU A 193 -10.29 10.28 11.78
CA GLU A 193 -9.48 9.95 10.63
C GLU A 193 -10.23 10.19 9.33
N THR A 194 -11.49 9.73 9.27
CA THR A 194 -12.30 9.92 8.06
C THR A 194 -12.42 11.39 7.70
N GLN A 195 -12.54 12.25 8.70
CA GLN A 195 -12.75 13.67 8.48
C GLN A 195 -11.45 14.46 8.34
N ASN A 196 -10.30 13.86 8.63
CA ASN A 196 -9.04 14.59 8.65
C ASN A 196 -8.02 14.14 7.61
N THR A 197 -7.98 12.85 7.26
CA THR A 197 -6.91 12.35 6.42
C THR A 197 -7.43 11.15 5.63
N GLY A 198 -6.50 10.42 5.00
CA GLY A 198 -6.88 9.26 4.23
C GLY A 198 -7.01 8.00 5.08
N THR A 199 -7.71 7.02 4.53
CA THR A 199 -8.01 5.77 5.23
C THR A 199 -6.74 5.13 5.77
N ASN A 200 -6.76 4.77 7.05
CA ASN A 200 -5.75 4.05 7.81
C ASN A 200 -4.60 4.94 8.30
N LEU A 201 -4.52 6.20 7.87
CA LEU A 201 -3.32 6.98 8.15
C LEU A 201 -3.18 7.36 9.61
N PHE A 202 -4.26 7.28 10.41
CA PHE A 202 -4.10 7.46 11.84
C PHE A 202 -3.39 6.28 12.49
N ASP A 203 -3.11 5.21 11.73
CA ASP A 203 -2.32 4.10 12.24
C ASP A 203 -0.83 4.29 11.96
N GLN A 204 -0.44 5.42 11.38
CA GLN A 204 0.96 5.79 11.25
C GLN A 204 1.30 6.81 12.35
N ALA A 205 2.46 7.45 12.23
CA ALA A 205 3.03 8.21 13.33
C ALA A 205 2.16 9.40 13.72
N PHE A 206 1.94 9.56 15.03
CA PHE A 206 1.30 10.75 15.57
C PHE A 206 2.06 12.01 15.16
N SER A 207 3.40 11.94 15.16
CA SER A 207 4.21 13.09 14.77
C SER A 207 3.91 13.53 13.35
N GLU A 208 3.59 12.58 12.46
CA GLU A 208 3.27 12.95 11.07
C GLU A 208 1.91 13.61 10.97
N SER A 209 0.93 13.14 11.74
CA SER A 209 -0.37 13.82 11.76
C SER A 209 -0.25 15.23 12.31
N VAL A 210 0.61 15.41 13.31
CA VAL A 210 0.84 16.76 13.85
C VAL A 210 1.48 17.66 12.79
N ILE A 211 2.52 17.16 12.12
CA ILE A 211 3.24 17.98 11.15
C ILE A 211 2.37 18.27 9.94
N ALA A 212 1.58 17.29 9.50
CA ALA A 212 0.65 17.51 8.40
C ALA A 212 -0.41 18.56 8.76
N SER A 213 -0.91 18.51 9.99
CA SER A 213 -1.84 19.52 10.47
C SER A 213 -1.15 20.88 10.56
N PHE A 214 0.13 20.90 10.92
CA PHE A 214 0.89 22.15 10.93
C PHE A 214 1.01 22.73 9.53
N ASP A 215 1.19 21.88 8.53
CA ASP A 215 1.35 22.35 7.16
C ASP A 215 0.02 22.84 6.59
N PHE A 216 -1.05 22.04 6.70
CA PHE A 216 -2.29 22.40 6.04
C PHE A 216 -3.15 23.37 6.84
N ASP A 217 -3.04 23.33 8.16
CA ASP A 217 -3.83 24.20 9.02
C ASP A 217 -2.90 24.99 9.92
N ASN A 218 -2.03 25.78 9.30
CA ASN A 218 -0.97 26.45 10.04
C ASN A 218 -1.55 27.54 10.94
N PRO A 219 -0.99 27.73 12.14
CA PRO A 219 -1.50 28.80 13.03
C PRO A 219 -1.42 30.19 12.43
N THR A 220 -0.48 30.44 11.52
CA THR A 220 -0.42 31.75 10.87
C THR A 220 -1.53 31.96 9.86
N LYS A 221 -2.34 30.91 9.57
CA LYS A 221 -3.42 30.95 8.59
C LYS A 221 -2.93 31.58 7.30
N PRO A 222 -2.12 30.87 6.51
CA PRO A 222 -1.36 31.51 5.44
C PRO A 222 -2.10 31.60 4.12
N GLU A 223 -1.54 32.44 3.25
CA GLU A 223 -1.86 32.41 1.83
C GLU A 223 -1.23 31.18 1.18
N TRP A 224 -1.94 30.60 0.21
CA TRP A 224 -1.40 29.50 -0.58
C TRP A 224 -1.15 29.96 -2.01
N TYR A 225 -0.20 29.32 -2.67
CA TYR A 225 0.16 29.68 -4.03
C TYR A 225 0.35 28.42 -4.86
N CYS A 226 0.16 28.57 -6.17
CA CYS A 226 0.52 27.56 -7.15
C CYS A 226 1.24 28.24 -8.31
N ILE A 227 1.82 27.43 -9.18
CA ILE A 227 2.64 27.92 -10.29
C ILE A 227 1.76 27.93 -11.54
N GLU A 228 1.41 29.12 -12.00
CA GLU A 228 0.59 29.25 -13.20
C GLU A 228 1.33 28.69 -14.40
N GLY A 229 0.76 27.66 -15.02
CA GLY A 229 1.42 26.92 -16.07
C GLY A 229 1.95 25.56 -15.65
N GLY A 230 1.78 25.19 -14.39
CA GLY A 230 2.20 23.88 -13.92
C GLY A 230 3.54 23.93 -13.22
N THR A 231 3.70 23.06 -12.22
CA THR A 231 4.92 23.00 -11.44
C THR A 231 6.12 22.63 -12.29
N SER A 232 5.92 21.94 -13.41
CA SER A 232 7.02 21.55 -14.28
C SER A 232 7.78 22.76 -14.84
N LEU A 233 7.16 23.94 -14.84
CA LEU A 233 7.89 25.15 -15.21
C LEU A 233 9.11 25.35 -14.31
N LEU A 234 9.01 24.93 -13.05
CA LEU A 234 10.17 24.98 -12.16
C LEU A 234 11.26 24.03 -12.64
N VAL A 235 10.88 22.82 -13.06
CA VAL A 235 11.86 21.88 -13.59
C VAL A 235 12.55 22.46 -14.82
N ASP A 236 11.77 23.03 -15.73
CA ASP A 236 12.34 23.65 -16.92
C ASP A 236 13.38 24.71 -16.54
N ALA A 237 13.03 25.60 -15.61
CA ALA A 237 13.93 26.69 -15.24
C ALA A 237 15.20 26.17 -14.58
N MET A 238 15.08 25.18 -13.68
CA MET A 238 16.27 24.63 -13.03
C MET A 238 17.14 23.90 -14.03
N LYS A 239 16.51 23.21 -14.99
CA LYS A 239 17.26 22.50 -16.04
C LYS A 239 18.07 23.47 -16.89
N GLU A 240 17.49 24.61 -17.24
CA GLU A 240 18.13 25.55 -18.16
C GLU A 240 19.40 26.17 -17.59
N THR A 241 19.52 26.23 -16.26
CA THR A 241 20.67 26.85 -15.63
C THR A 241 21.86 25.91 -15.49
N LEU A 242 21.64 24.61 -15.67
CA LEU A 242 22.63 23.60 -15.30
C LEU A 242 23.89 23.74 -16.13
N VAL A 243 25.04 23.73 -15.45
CA VAL A 243 26.32 23.71 -16.15
C VAL A 243 26.55 22.36 -16.80
N HIS A 244 26.25 21.28 -16.09
CA HIS A 244 26.34 19.92 -16.62
C HIS A 244 24.93 19.36 -16.74
N LYS A 245 24.52 19.03 -17.96
CA LYS A 245 23.13 18.66 -18.22
C LYS A 245 22.80 17.29 -17.66
N VAL A 246 21.51 17.08 -17.38
CA VAL A 246 21.03 15.79 -16.91
C VAL A 246 21.26 14.73 -17.99
N GLN A 247 21.71 13.55 -17.57
CA GLN A 247 21.79 12.38 -18.44
C GLN A 247 20.62 11.47 -18.09
N ASN A 248 19.58 11.51 -18.92
CA ASN A 248 18.40 10.71 -18.70
C ASN A 248 18.65 9.27 -19.14
N ASN A 249 17.71 8.39 -18.77
CA ASN A 249 17.78 6.96 -19.09
C ASN A 249 19.07 6.33 -18.55
N LYS A 250 19.53 6.80 -17.39
CA LYS A 250 20.73 6.29 -16.73
C LYS A 250 20.33 5.90 -15.31
N ARG A 251 19.99 4.63 -15.11
CA ARG A 251 19.51 4.14 -13.84
C ARG A 251 20.66 3.52 -13.05
N VAL A 252 21.00 4.12 -11.92
CA VAL A 252 22.05 3.59 -11.07
C VAL A 252 21.57 2.33 -10.37
N GLU A 253 22.32 1.24 -10.51
CA GLU A 253 21.98 -0.03 -9.88
C GLU A 253 22.95 -0.44 -8.79
N ALA A 254 24.07 0.26 -8.64
CA ALA A 254 25.03 -0.04 -7.59
C ALA A 254 25.82 1.23 -7.28
N ILE A 255 26.14 1.42 -6.00
CA ILE A 255 27.01 2.50 -5.55
C ILE A 255 28.07 1.88 -4.64
N SER A 256 29.31 2.33 -4.80
CA SER A 256 30.43 1.68 -4.14
C SER A 256 31.52 2.70 -3.82
N ILE A 257 32.32 2.39 -2.80
CA ILE A 257 33.52 3.16 -2.48
C ILE A 257 34.68 2.19 -2.29
N ASP A 258 35.84 2.56 -2.83
CA ASP A 258 37.05 1.75 -2.75
C ASP A 258 37.92 2.33 -1.62
N LEU A 259 37.81 1.74 -0.43
CA LEU A 259 38.56 2.22 0.72
C LEU A 259 40.03 1.85 0.66
N ASP A 260 40.43 0.98 -0.27
CA ASP A 260 41.83 0.68 -0.53
C ASP A 260 42.42 1.57 -1.63
N ALA A 261 41.89 2.77 -1.80
CA ALA A 261 42.38 3.73 -2.77
C ALA A 261 42.55 5.07 -2.06
N PRO A 262 43.72 5.71 -2.17
CA PRO A 262 43.97 6.93 -1.39
C PRO A 262 43.36 8.18 -2.00
N ASP A 263 42.86 8.12 -3.22
CA ASP A 263 42.38 9.31 -3.91
C ASP A 263 41.09 9.82 -3.25
N ASP A 264 40.83 11.12 -3.44
CA ASP A 264 39.52 11.66 -3.07
C ASP A 264 38.42 10.99 -3.88
N GLY A 265 38.66 10.79 -5.18
CA GLY A 265 37.66 10.23 -6.06
C GLY A 265 37.69 8.71 -6.13
N ASN A 266 37.37 8.05 -5.02
CA ASN A 266 37.41 6.60 -4.94
C ASN A 266 36.02 5.97 -4.90
N MET A 267 35.00 6.69 -5.36
CA MET A 267 33.63 6.20 -5.40
C MET A 267 33.18 5.97 -6.83
N SER A 268 32.23 5.05 -7.00
CA SER A 268 31.75 4.70 -8.33
C SER A 268 30.29 4.29 -8.25
N VAL A 269 29.63 4.34 -9.41
CA VAL A 269 28.28 3.83 -9.57
C VAL A 269 28.23 2.97 -10.83
N LYS A 270 27.35 1.98 -10.82
CA LYS A 270 27.14 1.10 -11.95
C LYS A 270 25.81 1.44 -12.62
N ILE A 271 25.82 1.59 -13.93
CA ILE A 271 24.64 1.88 -14.73
C ILE A 271 24.63 0.92 -15.90
N GLY A 272 23.66 -0.01 -15.90
CA GLY A 272 23.55 -0.98 -16.96
C GLY A 272 24.82 -1.80 -17.16
N GLY A 273 25.41 -2.27 -16.06
CA GLY A 273 26.59 -3.11 -16.11
C GLY A 273 27.91 -2.37 -16.20
N LYS A 274 27.90 -1.10 -16.61
CA LYS A 274 29.13 -0.34 -16.82
C LYS A 274 29.44 0.53 -15.60
N ASP A 275 30.72 0.66 -15.28
CA ASP A 275 31.16 1.40 -14.11
C ASP A 275 31.44 2.85 -14.45
N TYR A 276 31.05 3.75 -13.54
CA TYR A 276 31.32 5.18 -13.63
C TYR A 276 32.00 5.55 -12.32
N SER A 277 33.32 5.73 -12.36
CA SER A 277 34.12 5.91 -11.14
C SER A 277 34.78 7.28 -11.14
N GLY A 278 35.58 7.53 -10.10
CA GLY A 278 36.28 8.79 -9.96
C GLY A 278 35.55 9.86 -9.19
N TYR A 279 34.53 9.50 -8.43
CA TYR A 279 33.75 10.48 -7.67
C TYR A 279 34.28 10.62 -6.25
N SER A 280 34.33 11.86 -5.78
CA SER A 280 34.72 12.14 -4.40
C SER A 280 33.53 12.13 -3.45
N THR A 281 32.30 12.13 -3.96
CA THR A 281 31.10 12.09 -3.15
C THR A 281 29.93 11.73 -4.06
N VAL A 282 28.98 10.97 -3.52
CA VAL A 282 27.77 10.58 -4.23
C VAL A 282 26.56 11.07 -3.45
N PHE A 283 25.72 11.86 -4.09
CA PHE A 283 24.43 12.28 -3.53
C PHE A 283 23.34 11.42 -4.15
N ASN A 284 22.72 10.54 -3.36
CA ASN A 284 21.56 9.80 -3.82
C ASN A 284 20.30 10.56 -3.41
N THR A 285 19.52 10.98 -4.41
CA THR A 285 18.33 11.79 -4.18
C THR A 285 17.05 11.03 -4.48
N THR A 286 17.13 9.74 -4.80
CA THR A 286 15.96 8.97 -5.17
C THR A 286 15.12 8.62 -3.94
N ALA A 287 13.89 8.19 -4.19
CA ALA A 287 13.07 7.63 -3.14
C ALA A 287 13.75 6.38 -2.56
N LEU A 288 13.42 6.08 -1.31
CA LEU A 288 14.15 5.03 -0.60
C LEU A 288 13.90 3.64 -1.19
N GLY A 289 12.70 3.40 -1.74
CA GLY A 289 12.47 2.14 -2.42
C GLY A 289 13.41 1.94 -3.59
N CYS A 290 13.71 3.02 -4.31
CA CYS A 290 14.66 2.95 -5.41
C CYS A 290 16.07 2.67 -4.90
N LEU A 291 16.44 3.27 -3.76
CA LEU A 291 17.77 3.06 -3.21
C LEU A 291 17.94 1.65 -2.68
N ASP A 292 16.87 1.06 -2.12
CA ASP A 292 16.96 -0.28 -1.56
C ASP A 292 17.23 -1.32 -2.63
N ARG A 293 16.80 -1.07 -3.88
CA ARG A 293 17.02 -2.01 -4.96
C ARG A 293 18.47 -2.01 -5.44
N MET A 294 19.24 -0.99 -5.09
CA MET A 294 20.63 -0.91 -5.52
C MET A 294 21.51 -1.83 -4.69
N ASP A 295 22.57 -2.32 -5.32
CA ASP A 295 23.63 -3.05 -4.60
C ASP A 295 24.49 -2.01 -3.90
N LEU A 296 24.31 -1.88 -2.59
CA LEU A 296 25.05 -0.90 -1.80
C LEU A 296 26.12 -1.54 -0.92
N ARG A 297 26.47 -2.79 -1.21
CA ARG A 297 27.45 -3.51 -0.39
C ARG A 297 28.78 -2.77 -0.35
N GLY A 298 29.18 -2.16 -1.46
CA GLY A 298 30.42 -1.41 -1.50
C GLY A 298 30.45 -0.16 -0.65
N LEU A 299 29.35 0.16 0.04
CA LEU A 299 29.30 1.32 0.92
C LEU A 299 29.36 0.96 2.40
N ASN A 300 29.14 -0.31 2.75
CA ASN A 300 29.23 -0.79 4.13
C ASN A 300 28.35 0.04 5.07
N LEU A 301 27.09 0.20 4.68
CA LEU A 301 26.16 0.99 5.47
C LEU A 301 25.94 0.37 6.84
N HIS A 302 25.69 1.23 7.82
CA HIS A 302 25.28 0.76 9.13
C HIS A 302 24.02 -0.08 8.99
N PRO A 303 23.92 -1.21 9.70
CA PRO A 303 22.77 -2.11 9.49
C PRO A 303 21.43 -1.49 9.81
N THR A 304 21.37 -0.56 10.77
CA THR A 304 20.12 0.14 11.04
C THR A 304 19.84 1.21 9.98
N GLN A 305 20.89 1.78 9.39
CA GLN A 305 20.69 2.67 8.25
C GLN A 305 20.09 1.93 7.07
N ALA A 306 20.59 0.72 6.79
CA ALA A 306 20.01 -0.11 5.75
C ALA A 306 18.58 -0.50 6.10
N ASP A 307 18.30 -0.74 7.38
CA ASP A 307 16.94 -1.02 7.80
C ASP A 307 16.02 0.17 7.53
N ALA A 308 16.51 1.39 7.78
CA ALA A 308 15.72 2.57 7.51
C ALA A 308 15.36 2.68 6.03
N ILE A 309 16.31 2.35 5.14
CA ILE A 309 16.03 2.41 3.71
C ILE A 309 14.90 1.47 3.34
N ARG A 310 14.89 0.27 3.94
CA ARG A 310 13.85 -0.70 3.60
C ARG A 310 12.52 -0.38 4.28
N CYS A 311 12.55 0.08 5.52
CA CYS A 311 11.38 0.01 6.39
C CYS A 311 10.67 1.34 6.59
N LEU A 312 11.33 2.47 6.38
CA LEU A 312 10.65 3.76 6.49
C LEU A 312 9.44 3.78 5.58
N HIS A 313 8.29 4.10 6.15
CA HIS A 313 7.02 3.88 5.48
C HIS A 313 6.72 4.96 4.44
N TYR A 314 6.23 4.53 3.29
CA TYR A 314 5.75 5.41 2.24
C TYR A 314 4.24 5.26 2.10
N ALA A 315 3.56 6.36 1.84
CA ALA A 315 2.14 6.33 1.54
C ALA A 315 1.93 6.41 0.04
N ASN A 316 0.90 5.73 -0.44
CA ASN A 316 0.52 5.84 -1.84
C ASN A 316 -0.30 7.10 -2.06
N SER A 317 -0.33 7.55 -3.30
CA SER A 317 -1.24 8.63 -3.70
C SER A 317 -1.56 8.48 -5.17
N THR A 318 -2.79 8.83 -5.52
CA THR A 318 -3.29 8.71 -6.88
C THR A 318 -4.09 9.96 -7.23
N LYS A 319 -3.91 10.44 -8.45
CA LYS A 319 -4.66 11.58 -8.95
C LYS A 319 -5.38 11.20 -10.24
N VAL A 320 -6.59 11.73 -10.41
CA VAL A 320 -7.39 11.54 -11.62
C VAL A 320 -7.92 12.90 -12.04
N ALA A 321 -7.60 13.32 -13.26
CA ALA A 321 -8.04 14.60 -13.79
C ALA A 321 -8.84 14.40 -15.05
N LEU A 322 -9.97 15.10 -15.16
CA LEU A 322 -10.88 14.98 -16.29
C LEU A 322 -11.07 16.34 -16.95
N LYS A 323 -11.17 16.33 -18.28
CA LYS A 323 -11.40 17.53 -19.07
C LYS A 323 -12.90 17.66 -19.36
N PHE A 324 -13.43 18.87 -19.16
CA PHE A 324 -14.83 19.15 -19.41
C PHE A 324 -14.97 20.31 -20.39
N SER A 325 -16.02 20.24 -21.21
CA SER A 325 -16.24 21.26 -22.23
C SER A 325 -16.49 22.64 -21.62
N TYR A 326 -16.92 22.70 -20.37
CA TYR A 326 -17.07 23.96 -19.65
C TYR A 326 -17.00 23.67 -18.17
N PRO A 327 -16.60 24.64 -17.34
CA PRO A 327 -16.46 24.39 -15.89
C PRO A 327 -17.81 24.40 -15.16
N TRP A 328 -18.53 23.27 -15.28
CA TRP A 328 -19.86 23.18 -14.70
C TRP A 328 -19.84 23.39 -13.19
N TRP A 329 -18.71 23.12 -12.53
CA TRP A 329 -18.63 23.38 -11.09
C TRP A 329 -18.66 24.87 -10.81
N ILE A 330 -18.07 25.68 -11.70
CA ILE A 330 -18.10 27.14 -11.52
C ILE A 330 -19.49 27.68 -11.80
N LYS A 331 -20.05 27.35 -12.96
CA LYS A 331 -21.23 28.02 -13.48
C LYS A 331 -22.54 27.46 -12.95
N ASP A 332 -22.62 26.14 -12.72
CA ASP A 332 -23.86 25.53 -12.28
C ASP A 332 -23.92 25.27 -10.78
N CYS A 333 -22.78 25.19 -10.10
CA CYS A 333 -22.76 24.89 -8.68
C CYS A 333 -22.23 26.04 -7.83
N GLY A 334 -21.89 27.18 -8.43
CA GLY A 334 -21.38 28.30 -7.66
C GLY A 334 -20.02 28.07 -7.05
N ILE A 335 -19.24 27.12 -7.58
CA ILE A 335 -17.91 26.83 -7.01
C ILE A 335 -16.92 27.64 -7.84
N THR A 336 -16.78 28.91 -7.45
CA THR A 336 -16.07 29.90 -8.25
C THR A 336 -14.69 30.24 -7.71
N CYS A 337 -14.31 29.73 -6.53
CA CYS A 337 -13.08 30.15 -5.87
C CYS A 337 -12.26 28.95 -5.41
N GLY A 338 -12.10 27.96 -6.29
CA GLY A 338 -11.28 26.82 -5.94
C GLY A 338 -11.84 26.05 -4.76
N GLY A 339 -10.95 25.60 -3.89
CA GLY A 339 -11.33 24.78 -2.76
C GLY A 339 -11.33 23.31 -3.14
N ALA A 340 -12.00 22.51 -2.30
CA ALA A 340 -12.08 21.08 -2.55
C ALA A 340 -13.33 20.51 -1.90
N ALA A 341 -13.88 19.47 -2.53
CA ALA A 341 -15.01 18.74 -2.01
C ALA A 341 -14.53 17.41 -1.45
N SER A 342 -14.98 17.08 -0.24
CA SER A 342 -14.53 15.87 0.44
C SER A 342 -15.71 14.93 0.66
N THR A 343 -15.44 13.63 0.55
CA THR A 343 -16.50 12.64 0.63
C THR A 343 -15.90 11.31 1.07
N ASP A 344 -16.75 10.43 1.57
CA ASP A 344 -16.34 9.06 1.85
C ASP A 344 -16.52 8.15 0.63
N LEU A 345 -16.98 8.70 -0.50
CA LEU A 345 -17.04 7.95 -1.74
C LEU A 345 -15.63 7.68 -2.26
N PRO A 346 -15.47 6.69 -3.15
CA PRO A 346 -14.13 6.30 -3.62
C PRO A 346 -13.21 7.44 -4.04
N LEU A 347 -13.72 8.50 -4.69
CA LEU A 347 -12.81 9.55 -5.14
C LEU A 347 -12.24 10.37 -4.00
N ARG A 348 -12.87 10.30 -2.80
CA ARG A 348 -12.39 10.93 -1.58
C ARG A 348 -12.32 12.45 -1.65
N THR A 349 -11.54 13.00 -2.59
CA THR A 349 -11.31 14.44 -2.65
C THR A 349 -11.31 14.93 -4.09
N CYS A 350 -12.11 15.94 -4.36
CA CYS A 350 -12.22 16.56 -5.68
C CYS A 350 -11.76 18.01 -5.57
N VAL A 351 -10.67 18.35 -6.25
CA VAL A 351 -10.03 19.65 -6.12
C VAL A 351 -10.42 20.52 -7.29
N TYR A 352 -11.04 21.66 -7.00
CA TYR A 352 -11.36 22.62 -8.05
C TYR A 352 -10.15 23.50 -8.31
N PRO A 353 -9.60 23.51 -9.53
CA PRO A 353 -8.36 24.24 -9.79
C PRO A 353 -8.51 25.72 -9.50
N SER A 354 -7.40 26.33 -9.08
CA SER A 354 -7.34 27.77 -8.83
C SER A 354 -6.80 28.54 -10.02
N TYR A 355 -6.41 27.86 -11.09
CA TYR A 355 -5.75 28.49 -12.22
C TYR A 355 -6.61 28.64 -13.46
N ASN A 356 -7.88 28.21 -13.41
CA ASN A 356 -8.77 28.36 -14.56
C ASN A 356 -10.10 28.99 -14.16
N LEU A 357 -10.09 29.82 -13.11
CA LEU A 357 -11.33 30.36 -12.57
C LEU A 357 -12.01 31.33 -13.52
N GLY A 358 -11.25 31.97 -14.41
CA GLY A 358 -11.83 32.88 -15.37
C GLY A 358 -12.19 32.24 -16.71
N ASP A 359 -11.96 30.94 -16.87
CA ASP A 359 -12.22 30.29 -18.14
C ASP A 359 -13.69 29.90 -18.26
N THR A 360 -14.22 30.04 -19.48
CA THR A 360 -15.59 29.67 -19.78
C THR A 360 -15.70 28.50 -20.74
N GLY A 361 -14.60 28.14 -21.42
CA GLY A 361 -14.54 26.99 -22.30
C GLY A 361 -14.02 25.77 -21.58
N GLU A 362 -13.20 24.99 -22.29
CA GLU A 362 -12.66 23.74 -21.75
C GLU A 362 -11.92 24.01 -20.43
N ALA A 363 -12.16 23.13 -19.45
CA ALA A 363 -11.54 23.26 -18.14
C ALA A 363 -11.19 21.89 -17.60
N VAL A 364 -10.11 21.84 -16.84
CA VAL A 364 -9.64 20.62 -16.18
C VAL A 364 -10.22 20.58 -14.77
N LEU A 365 -10.64 19.40 -14.34
CA LEU A 365 -11.01 19.16 -12.94
C LEU A 365 -10.15 18.05 -12.39
N LEU A 366 -9.53 18.30 -11.24
CA LEU A 366 -8.79 17.26 -10.51
C LEU A 366 -9.83 16.46 -9.71
N ALA A 367 -10.48 15.53 -10.42
CA ALA A 367 -11.70 14.94 -9.91
C ALA A 367 -11.46 14.02 -8.71
N SER A 368 -10.27 13.43 -8.59
CA SER A 368 -10.00 12.53 -7.47
C SER A 368 -8.53 12.64 -7.06
N TYR A 369 -8.32 12.98 -5.79
CA TYR A 369 -6.99 13.06 -5.20
C TYR A 369 -7.03 12.24 -3.91
N THR A 370 -6.36 11.09 -3.91
CA THR A 370 -6.46 10.13 -2.82
C THR A 370 -5.08 9.81 -2.25
N TRP A 371 -5.08 9.31 -1.01
CA TRP A 371 -3.89 8.84 -0.32
C TRP A 371 -4.11 7.43 0.18
N SER A 372 -3.01 6.72 0.40
CA SER A 372 -2.96 5.45 1.17
C SER A 372 -3.88 4.42 0.50
N GLN A 373 -4.69 3.70 1.28
CA GLN A 373 -5.50 2.63 0.72
C GLN A 373 -6.51 3.16 -0.29
N ASP A 374 -7.04 4.36 -0.08
CA ASP A 374 -7.91 4.97 -1.08
C ASP A 374 -7.18 5.09 -2.42
N ALA A 375 -5.92 5.50 -2.38
CA ALA A 375 -5.15 5.65 -3.61
C ALA A 375 -4.80 4.30 -4.22
N THR A 376 -4.54 3.29 -3.38
CA THR A 376 -4.25 1.96 -3.90
C THR A 376 -5.46 1.38 -4.62
N ARG A 377 -6.66 1.62 -4.08
CA ARG A 377 -7.87 1.11 -4.71
C ARG A 377 -8.17 1.85 -6.02
N ILE A 378 -8.01 3.18 -6.03
CA ILE A 378 -8.18 3.92 -7.27
C ILE A 378 -7.07 3.55 -8.26
N GLY A 379 -5.84 3.45 -7.77
CA GLY A 379 -4.72 3.13 -8.63
C GLY A 379 -4.82 1.77 -9.30
N SER A 380 -5.59 0.85 -8.74
CA SER A 380 -5.78 -0.45 -9.37
C SER A 380 -6.61 -0.35 -10.64
N LEU A 381 -7.32 0.76 -10.84
CA LEU A 381 -8.04 1.01 -12.07
C LEU A 381 -7.23 1.82 -13.08
N VAL A 382 -6.05 2.29 -12.69
CA VAL A 382 -5.24 3.15 -13.54
C VAL A 382 -4.40 2.26 -14.45
N LYS A 383 -4.79 2.19 -15.72
CA LYS A 383 -4.10 1.42 -16.74
C LYS A 383 -3.71 2.38 -17.87
N ASP A 384 -2.93 1.88 -18.83
CA ASP A 384 -2.36 2.76 -19.84
C ASP A 384 -3.27 2.94 -21.06
N ALA A 385 -3.81 1.86 -21.60
CA ALA A 385 -4.67 1.99 -22.78
C ALA A 385 -6.10 1.57 -22.44
N PRO A 386 -6.84 2.40 -21.71
CA PRO A 386 -8.21 2.04 -21.37
C PRO A 386 -9.09 2.14 -22.60
N PRO A 387 -10.36 1.75 -22.49
CA PRO A 387 -11.24 1.80 -23.66
C PRO A 387 -12.12 3.03 -23.68
N GLN A 388 -12.41 3.48 -24.90
CA GLN A 388 -13.53 4.39 -25.09
C GLN A 388 -14.77 3.60 -25.49
N PRO A 389 -15.98 3.97 -25.04
CA PRO A 389 -16.45 5.16 -24.31
C PRO A 389 -16.25 5.15 -22.79
N PRO A 390 -16.50 6.30 -22.14
CA PRO A 390 -16.42 6.37 -20.67
C PRO A 390 -17.15 5.25 -19.94
N LYS A 391 -18.34 4.86 -20.38
CA LYS A 391 -19.06 3.78 -19.70
C LYS A 391 -18.21 2.53 -19.56
N GLU A 392 -17.28 2.30 -20.48
CA GLU A 392 -16.52 1.06 -20.52
C GLU A 392 -15.21 1.15 -19.75
N ASP A 393 -14.63 2.35 -19.64
CA ASP A 393 -13.51 2.56 -18.72
C ASP A 393 -14.08 2.61 -17.30
N GLU A 394 -13.72 1.61 -16.49
CA GLU A 394 -14.29 1.51 -15.15
C GLU A 394 -13.94 2.73 -14.31
N LEU A 395 -12.71 3.23 -14.43
CA LEU A 395 -12.30 4.39 -13.65
C LEU A 395 -13.08 5.63 -14.05
N VAL A 396 -13.18 5.89 -15.36
CA VAL A 396 -13.94 7.05 -15.84
C VAL A 396 -15.36 7.01 -15.30
N GLU A 397 -16.03 5.87 -15.47
CA GLU A 397 -17.41 5.73 -15.02
C GLU A 397 -17.52 5.93 -13.52
N LEU A 398 -16.62 5.32 -12.75
CA LEU A 398 -16.62 5.50 -11.30
C LEU A 398 -16.52 6.99 -10.93
N ILE A 399 -15.59 7.70 -11.57
CA ILE A 399 -15.39 9.11 -11.25
C ILE A 399 -16.62 9.92 -11.58
N LEU A 400 -17.21 9.69 -12.76
CA LEU A 400 -18.40 10.43 -13.17
C LEU A 400 -19.55 10.17 -12.21
N GLN A 401 -19.73 8.91 -11.78
CA GLN A 401 -20.79 8.58 -10.84
C GLN A 401 -20.56 9.26 -9.49
N ASN A 402 -19.34 9.12 -8.95
CA ASN A 402 -19.02 9.79 -7.70
C ASN A 402 -19.19 11.30 -7.80
N LEU A 403 -18.77 11.88 -8.94
CA LEU A 403 -18.92 13.32 -9.14
C LEU A 403 -20.38 13.72 -9.12
N ALA A 404 -21.25 12.90 -9.72
CA ALA A 404 -22.67 13.20 -9.76
C ALA A 404 -23.27 13.19 -8.36
N ARG A 405 -22.93 12.17 -7.56
CA ARG A 405 -23.43 12.12 -6.19
C ARG A 405 -22.87 13.26 -5.35
N LEU A 406 -21.59 13.58 -5.53
CA LEU A 406 -20.98 14.66 -4.77
C LEU A 406 -21.60 16.01 -5.11
N HIS A 407 -22.00 16.22 -6.36
CA HIS A 407 -22.59 17.46 -6.80
C HIS A 407 -24.08 17.32 -7.11
N ALA A 408 -24.77 16.44 -6.38
CA ALA A 408 -26.18 16.19 -6.62
C ALA A 408 -27.06 17.39 -6.30
N GLU A 409 -26.56 18.34 -5.51
CA GLU A 409 -27.36 19.52 -5.16
C GLU A 409 -27.62 20.42 -6.36
N HIS A 410 -26.81 20.32 -7.43
CA HIS A 410 -26.98 21.19 -8.58
C HIS A 410 -26.82 20.48 -9.92
N MET A 411 -26.27 19.27 -9.97
CA MET A 411 -26.00 18.59 -11.23
C MET A 411 -26.67 17.22 -11.25
N THR A 412 -26.79 16.68 -12.46
CA THR A 412 -27.19 15.31 -12.70
C THR A 412 -25.99 14.52 -13.22
N TYR A 413 -26.08 13.20 -13.11
CA TYR A 413 -25.07 12.36 -13.76
C TYR A 413 -25.05 12.61 -15.26
N GLU A 414 -26.22 12.85 -15.85
CA GLU A 414 -26.33 13.00 -17.29
C GLU A 414 -25.69 14.30 -17.76
N LYS A 415 -25.89 15.39 -17.02
CA LYS A 415 -25.29 16.67 -17.41
C LYS A 415 -23.78 16.65 -17.22
N ILE A 416 -23.29 16.01 -16.14
CA ILE A 416 -21.84 15.90 -15.96
C ILE A 416 -21.25 15.04 -17.06
N LYS A 417 -21.93 13.95 -17.41
CA LYS A 417 -21.42 13.04 -18.44
C LYS A 417 -21.38 13.71 -19.81
N GLU A 418 -22.37 14.54 -20.12
CA GLU A 418 -22.35 15.20 -21.43
C GLU A 418 -21.29 16.29 -21.50
N ALA A 419 -20.96 16.91 -20.37
CA ALA A 419 -19.92 17.93 -20.37
C ALA A 419 -18.53 17.31 -20.45
N TYR A 420 -18.39 16.05 -20.05
CA TYR A 420 -17.11 15.35 -20.12
C TYR A 420 -16.67 15.20 -21.57
N THR A 421 -15.46 15.64 -21.87
CA THR A 421 -14.95 15.61 -23.24
C THR A 421 -14.55 14.21 -23.69
N GLY A 422 -14.34 13.28 -22.75
CA GLY A 422 -13.72 12.02 -23.08
C GLY A 422 -12.23 12.00 -22.90
N VAL A 423 -11.63 13.10 -22.44
CA VAL A 423 -10.20 13.21 -22.22
C VAL A 423 -9.95 13.27 -20.73
N TYR A 424 -9.16 12.32 -20.23
CA TYR A 424 -8.78 12.31 -18.83
C TYR A 424 -7.40 11.71 -18.70
N HIS A 425 -6.80 11.88 -17.52
CA HIS A 425 -5.52 11.28 -17.21
C HIS A 425 -5.52 10.91 -15.73
N ALA A 426 -4.80 9.84 -15.41
CA ALA A 426 -4.71 9.36 -14.04
C ALA A 426 -3.29 8.88 -13.79
N TYR A 427 -2.91 8.84 -12.51
CA TYR A 427 -1.54 8.46 -12.15
C TYR A 427 -1.52 7.97 -10.72
N CYS A 428 -0.89 6.81 -10.51
CA CYS A 428 -0.76 6.21 -9.19
C CYS A 428 0.73 6.10 -8.89
N TRP A 429 1.19 6.87 -7.90
CA TRP A 429 2.63 7.02 -7.70
C TRP A 429 3.29 5.73 -7.23
N ALA A 430 2.55 4.85 -6.55
CA ALA A 430 3.12 3.57 -6.15
C ALA A 430 3.40 2.66 -7.34
N ASN A 431 2.74 2.89 -8.48
CA ASN A 431 3.00 2.14 -9.69
C ASN A 431 4.11 2.75 -10.53
N ASP A 432 4.73 3.83 -10.07
CA ASP A 432 5.86 4.43 -10.78
C ASP A 432 7.13 3.73 -10.34
N PRO A 433 7.80 2.98 -11.22
CA PRO A 433 9.04 2.30 -10.81
C PRO A 433 10.16 3.24 -10.41
N ASN A 434 10.06 4.53 -10.73
CA ASN A 434 11.07 5.50 -10.36
C ASN A 434 10.85 6.12 -9.00
N VAL A 435 9.80 5.71 -8.28
CA VAL A 435 9.54 6.23 -6.93
C VAL A 435 9.14 5.08 -6.01
N GLY A 436 8.14 4.30 -6.41
CA GLY A 436 7.63 3.23 -5.56
C GLY A 436 6.66 3.67 -4.49
N GLY A 437 6.17 4.89 -4.57
CA GLY A 437 5.27 5.45 -3.57
C GLY A 437 5.07 6.92 -3.88
N ALA A 438 4.24 7.55 -3.07
CA ALA A 438 4.07 8.99 -3.26
C ALA A 438 5.11 9.77 -2.48
N PHE A 439 5.26 9.48 -1.20
CA PHE A 439 6.14 10.24 -0.33
C PHE A 439 6.25 9.52 1.00
N ALA A 440 7.26 9.90 1.78
CA ALA A 440 7.45 9.32 3.09
C ALA A 440 6.33 9.74 4.03
N LEU A 441 5.79 8.77 4.77
CA LEU A 441 4.82 9.00 5.84
C LEU A 441 5.17 7.98 6.92
N PHE A 442 6.04 8.39 7.85
CA PHE A 442 6.67 7.45 8.74
C PHE A 442 5.66 6.80 9.68
N GLY A 443 5.97 5.57 10.10
CA GLY A 443 5.21 4.89 11.12
C GLY A 443 5.66 5.29 12.50
N PRO A 444 5.03 4.67 13.51
CA PRO A 444 5.37 4.98 14.90
C PRO A 444 6.82 4.67 15.21
N GLY A 445 7.48 5.61 15.90
CA GLY A 445 8.85 5.45 16.33
C GLY A 445 9.89 5.59 15.24
N GLN A 446 9.50 5.77 13.99
CA GLN A 446 10.47 5.76 12.89
C GLN A 446 11.28 7.06 12.85
N PHE A 447 10.62 8.20 13.07
CA PHE A 447 11.33 9.48 13.10
C PHE A 447 12.39 9.50 14.20
N SER A 448 12.05 8.99 15.38
CA SER A 448 12.93 9.09 16.54
C SER A 448 13.97 7.99 16.59
N ASN A 449 13.79 6.90 15.85
CA ASN A 449 14.70 5.75 15.93
C ASN A 449 15.39 5.44 14.62
N LEU A 450 14.63 5.26 13.54
CA LEU A 450 15.25 4.88 12.26
C LEU A 450 15.83 6.09 11.54
N TYR A 451 15.13 7.22 11.58
CA TYR A 451 15.56 8.39 10.82
C TYR A 451 16.95 8.91 11.20
N PRO A 452 17.37 8.93 12.46
CA PRO A 452 18.77 9.31 12.75
C PRO A 452 19.79 8.42 12.07
N TYR A 453 19.51 7.12 11.92
CA TYR A 453 20.45 6.24 11.24
C TYR A 453 20.38 6.40 9.73
N LEU A 454 19.21 6.74 9.19
CA LEU A 454 19.14 7.08 7.77
C LEU A 454 20.05 8.24 7.44
N MET A 455 20.16 9.20 8.35
CA MET A 455 20.95 10.41 8.14
C MET A 455 22.37 10.30 8.64
N ARG A 456 22.78 9.13 9.11
CA ARG A 456 24.09 8.95 9.69
C ARG A 456 25.15 8.99 8.58
N PRO A 457 26.33 9.58 8.84
CA PRO A 457 27.38 9.64 7.82
C PRO A 457 27.80 8.25 7.36
N ALA A 458 27.98 8.11 6.05
CA ALA A 458 28.31 6.83 5.43
C ALA A 458 29.47 6.99 4.46
N ALA A 459 30.21 5.89 4.29
CA ALA A 459 31.37 5.84 3.38
C ALA A 459 32.36 6.95 3.70
N GLY A 460 32.67 7.11 4.98
CA GLY A 460 33.61 8.12 5.42
C GLY A 460 33.15 9.54 5.17
N GLY A 461 31.85 9.79 5.21
CA GLY A 461 31.33 11.11 4.94
C GLY A 461 31.19 11.45 3.48
N LYS A 462 31.21 10.46 2.59
CA LYS A 462 31.21 10.70 1.16
C LYS A 462 29.94 10.19 0.47
N PHE A 463 29.00 9.61 1.21
CA PHE A 463 27.71 9.18 0.66
C PHE A 463 26.60 9.87 1.44
N HIS A 464 25.62 10.42 0.71
CA HIS A 464 24.51 11.14 1.31
C HIS A 464 23.19 10.63 0.77
N ILE A 465 22.28 10.28 1.67
CA ILE A 465 20.92 9.89 1.32
C ILE A 465 20.07 11.15 1.38
N VAL A 466 19.64 11.64 0.22
CA VAL A 466 19.03 12.96 0.08
C VAL A 466 17.63 12.81 -0.50
N GLY A 467 16.77 13.76 -0.18
CA GLY A 467 15.41 13.79 -0.68
C GLY A 467 14.42 14.10 0.43
N GLU A 468 13.15 14.16 0.03
CA GLU A 468 12.10 14.54 0.98
C GLU A 468 12.04 13.58 2.17
N ALA A 469 12.25 12.29 1.93
CA ALA A 469 12.25 11.33 3.03
C ALA A 469 13.40 11.62 4.00
N SER A 470 14.46 12.23 3.51
CA SER A 470 15.64 12.60 4.30
C SER A 470 15.51 13.97 4.92
N SER A 471 14.34 14.29 5.47
CA SER A 471 14.08 15.60 6.05
C SER A 471 12.97 15.45 7.08
N VAL A 472 12.68 16.55 7.78
CA VAL A 472 11.57 16.59 8.73
C VAL A 472 10.32 17.17 8.10
N HIS A 473 10.34 17.43 6.79
CA HIS A 473 9.21 17.98 6.05
C HIS A 473 8.85 17.02 4.92
N HIS A 474 8.27 15.87 5.27
CA HIS A 474 7.91 14.88 4.26
C HIS A 474 6.83 15.42 3.32
N ALA A 475 6.88 14.96 2.07
CA ALA A 475 5.84 15.23 1.08
C ALA A 475 5.71 16.71 0.73
N TRP A 476 6.80 17.46 0.88
CA TRP A 476 6.84 18.84 0.44
C TRP A 476 8.16 19.11 -0.28
N ILE A 477 8.13 20.07 -1.20
CA ILE A 477 9.35 20.49 -1.88
C ILE A 477 10.39 20.95 -0.86
N ILE A 478 9.93 21.61 0.21
CA ILE A 478 10.84 22.14 1.22
C ILE A 478 11.71 21.04 1.82
N GLY A 479 11.13 19.86 2.04
CA GLY A 479 11.92 18.77 2.57
C GLY A 479 13.04 18.36 1.64
N SER A 480 12.76 18.34 0.34
CA SER A 480 13.80 18.03 -0.64
C SER A 480 14.88 19.10 -0.64
N LEU A 481 14.50 20.37 -0.58
CA LEU A 481 15.47 21.45 -0.64
C LEU A 481 16.34 21.49 0.61
N GLU A 482 15.74 21.30 1.79
CA GLU A 482 16.51 21.29 3.02
C GLU A 482 17.50 20.13 3.06
N SER A 483 17.06 18.95 2.62
CA SER A 483 17.95 17.79 2.59
C SER A 483 19.12 18.02 1.64
N ALA A 484 18.83 18.56 0.45
CA ALA A 484 19.89 18.84 -0.53
C ALA A 484 20.86 19.88 -0.01
N TYR A 485 20.34 20.92 0.66
CA TYR A 485 21.21 21.94 1.24
C TYR A 485 22.09 21.35 2.34
N THR A 486 21.51 20.50 3.20
CA THR A 486 22.29 19.92 4.29
C THR A 486 23.38 19.00 3.75
N ALA A 487 23.09 18.24 2.69
CA ALA A 487 24.10 17.35 2.12
C ALA A 487 25.26 18.13 1.53
N VAL A 488 24.97 19.26 0.88
CA VAL A 488 26.03 20.08 0.31
C VAL A 488 26.91 20.65 1.41
N TYR A 489 26.29 21.12 2.49
CA TYR A 489 27.05 21.56 3.67
C TYR A 489 28.02 20.47 4.11
N GLN A 490 27.53 19.24 4.28
CA GLN A 490 28.38 18.18 4.80
C GLN A 490 29.46 17.78 3.80
N PHE A 491 29.19 17.92 2.50
CA PHE A 491 30.22 17.67 1.49
C PHE A 491 31.34 18.70 1.59
N LEU A 492 30.99 19.98 1.72
CA LEU A 492 32.00 21.02 1.86
C LEU A 492 32.75 20.90 3.18
N TYR A 493 32.03 20.58 4.26
CA TYR A 493 32.68 20.37 5.55
C TYR A 493 33.64 19.19 5.48
N LYS A 494 33.25 18.11 4.80
CA LYS A 494 34.08 16.91 4.72
C LYS A 494 35.41 17.20 4.05
N TYR A 495 35.41 18.03 3.01
CA TYR A 495 36.63 18.38 2.30
C TYR A 495 37.21 19.71 2.76
N LYS A 496 36.72 20.24 3.88
CA LYS A 496 37.31 21.42 4.54
C LYS A 496 37.46 22.59 3.57
N MET A 497 36.53 22.70 2.61
CA MET A 497 36.45 23.86 1.73
C MET A 497 35.77 24.99 2.49
N TRP A 498 36.50 25.51 3.48
CA TRP A 498 35.92 26.47 4.42
C TRP A 498 35.47 27.75 3.74
N ASP A 499 36.19 28.18 2.70
CA ASP A 499 35.78 29.38 1.96
C ASP A 499 34.40 29.21 1.35
N TYR A 500 34.17 28.06 0.71
CA TYR A 500 32.91 27.82 0.03
C TYR A 500 31.80 27.37 0.98
N LEU A 501 32.17 26.80 2.13
CA LEU A 501 31.18 26.54 3.17
C LEU A 501 30.63 27.86 3.72
N ARG A 502 31.51 28.83 3.97
CA ARG A 502 31.05 30.15 4.40
C ARG A 502 30.20 30.81 3.33
N LEU A 503 30.58 30.66 2.05
CA LEU A 503 29.77 31.18 0.97
C LEU A 503 28.43 30.47 0.88
N LEU A 504 28.38 29.17 1.19
CA LEU A 504 27.12 28.45 1.22
C LEU A 504 26.18 29.06 2.27
N LEU A 505 26.70 29.27 3.48
CA LEU A 505 25.88 29.86 4.55
C LEU A 505 25.46 31.28 4.19
N GLU A 506 26.35 32.05 3.56
CA GLU A 506 26.03 33.43 3.24
C GLU A 506 24.94 33.53 2.18
N ARG A 507 25.00 32.68 1.15
CA ARG A 507 24.09 32.80 0.02
C ARG A 507 22.91 31.84 0.07
N TRP A 508 22.99 30.74 0.81
CA TRP A 508 21.99 29.69 0.69
C TRP A 508 21.30 29.30 2.00
N GLN A 509 21.69 29.87 3.13
CA GLN A 509 21.02 29.51 4.38
C GLN A 509 19.61 30.11 4.44
N TYR A 510 19.51 31.42 4.28
CA TYR A 510 18.22 32.06 4.03
C TYR A 510 18.25 32.65 2.63
N GLY A 511 18.68 31.86 1.65
CA GLY A 511 19.09 32.40 0.37
C GLY A 511 18.40 31.72 -0.81
N LEU A 512 18.77 32.21 -1.99
CA LEU A 512 18.04 31.98 -3.21
C LEU A 512 18.99 31.62 -4.35
N GLU B 4 -45.16 -26.46 -0.87
CA GLU B 4 -44.32 -26.28 -2.05
C GLU B 4 -43.71 -24.88 -2.09
N LEU B 5 -42.40 -24.83 -2.34
CA LEU B 5 -41.66 -23.58 -2.24
C LEU B 5 -41.92 -22.72 -3.48
N PRO B 6 -42.17 -21.42 -3.29
CA PRO B 6 -42.34 -20.52 -4.43
C PRO B 6 -41.05 -20.37 -5.21
N PRO B 7 -41.12 -19.99 -6.48
CA PRO B 7 -39.89 -19.75 -7.25
C PRO B 7 -39.08 -18.62 -6.64
N ARG B 8 -37.78 -18.86 -6.48
CA ARG B 8 -36.87 -17.86 -5.94
C ARG B 8 -35.56 -17.89 -6.71
N LYS B 9 -34.93 -16.72 -6.79
CA LYS B 9 -33.68 -16.55 -7.51
C LYS B 9 -32.76 -15.71 -6.64
N VAL B 10 -31.51 -16.17 -6.46
CA VAL B 10 -30.53 -15.41 -5.71
C VAL B 10 -29.38 -15.07 -6.65
N CYS B 11 -28.60 -14.06 -6.26
CA CYS B 11 -27.51 -13.57 -7.09
C CYS B 11 -26.20 -13.69 -6.32
N ILE B 12 -25.21 -14.31 -6.93
CA ILE B 12 -23.89 -14.47 -6.36
C ILE B 12 -22.94 -13.56 -7.14
N VAL B 13 -22.44 -12.52 -6.49
CA VAL B 13 -21.51 -11.59 -7.11
C VAL B 13 -20.10 -12.10 -6.88
N GLY B 14 -19.43 -12.50 -7.94
CA GLY B 14 -18.06 -12.97 -7.85
C GLY B 14 -17.93 -14.47 -7.94
N ALA B 15 -17.09 -14.95 -8.85
CA ALA B 15 -16.84 -16.37 -9.05
C ALA B 15 -15.48 -16.79 -8.53
N GLY B 16 -15.10 -16.28 -7.35
CA GLY B 16 -13.99 -16.83 -6.61
C GLY B 16 -14.42 -18.09 -5.89
N VAL B 17 -13.54 -18.55 -4.99
CA VAL B 17 -13.84 -19.81 -4.30
C VAL B 17 -15.06 -19.65 -3.38
N SER B 18 -15.27 -18.46 -2.81
CA SER B 18 -16.44 -18.29 -1.96
CA SER B 18 -16.45 -18.24 -1.96
C SER B 18 -17.73 -18.35 -2.77
N GLY B 19 -17.80 -17.62 -3.88
CA GLY B 19 -19.00 -17.65 -4.71
C GLY B 19 -19.26 -19.01 -5.32
N LEU B 20 -18.18 -19.71 -5.71
CA LEU B 20 -18.33 -21.07 -6.22
C LEU B 20 -18.79 -22.01 -5.11
N TYR B 21 -18.33 -21.78 -3.87
CA TYR B 21 -18.74 -22.61 -2.75
C TYR B 21 -20.22 -22.44 -2.44
N ILE B 22 -20.72 -21.21 -2.50
CA ILE B 22 -22.16 -20.97 -2.31
C ILE B 22 -22.96 -21.77 -3.33
N ALA B 23 -22.56 -21.69 -4.60
CA ALA B 23 -23.28 -22.40 -5.65
C ALA B 23 -23.19 -23.91 -5.44
N MET B 24 -22.02 -24.40 -5.03
CA MET B 24 -21.87 -25.82 -4.77
C MET B 24 -22.79 -26.28 -3.64
N ILE B 25 -22.90 -25.49 -2.57
CA ILE B 25 -23.80 -25.82 -1.48
C ILE B 25 -25.24 -25.81 -1.95
N LEU B 26 -25.63 -24.76 -2.68
CA LEU B 26 -26.99 -24.67 -3.21
C LEU B 26 -27.28 -25.83 -4.16
N ASP B 27 -26.33 -26.16 -5.04
CA ASP B 27 -26.51 -27.30 -5.93
C ASP B 27 -26.71 -28.59 -5.13
N ASP B 28 -26.03 -28.71 -3.99
CA ASP B 28 -26.10 -29.94 -3.21
C ASP B 28 -27.43 -30.06 -2.49
N LEU B 29 -27.92 -28.96 -1.91
CA LEU B 29 -29.18 -29.02 -1.18
C LEU B 29 -30.38 -29.24 -2.11
N LYS B 30 -30.26 -28.85 -3.38
CA LYS B 30 -31.31 -29.04 -4.38
C LYS B 30 -32.66 -28.54 -3.88
N ILE B 31 -32.70 -27.25 -3.58
CA ILE B 31 -33.91 -26.63 -3.04
C ILE B 31 -34.90 -26.40 -4.19
N PRO B 32 -36.14 -26.89 -4.07
CA PRO B 32 -37.08 -26.80 -5.20
C PRO B 32 -37.39 -25.36 -5.58
N ASN B 33 -37.36 -25.10 -6.89
CA ASN B 33 -37.69 -23.82 -7.50
C ASN B 33 -36.72 -22.70 -7.15
N LEU B 34 -35.54 -23.04 -6.62
CA LEU B 34 -34.51 -22.04 -6.32
C LEU B 34 -33.45 -22.06 -7.40
N THR B 35 -33.14 -20.88 -7.94
CA THR B 35 -32.08 -20.72 -8.93
C THR B 35 -31.14 -19.62 -8.46
N TYR B 36 -30.02 -19.49 -9.18
CA TYR B 36 -29.05 -18.44 -8.88
C TYR B 36 -28.37 -18.01 -10.17
N ASP B 37 -27.90 -16.77 -10.18
CA ASP B 37 -26.96 -16.27 -11.16
C ASP B 37 -25.62 -15.99 -10.48
N ILE B 38 -24.53 -16.31 -11.16
CA ILE B 38 -23.19 -15.95 -10.71
C ILE B 38 -22.60 -15.01 -11.74
N PHE B 39 -22.34 -13.78 -11.34
CA PHE B 39 -21.73 -12.78 -12.21
C PHE B 39 -20.29 -12.56 -11.79
N GLU B 40 -19.38 -12.71 -12.75
CA GLU B 40 -17.95 -12.54 -12.51
C GLU B 40 -17.46 -11.40 -13.39
N SER B 41 -16.87 -10.38 -12.75
CA SER B 41 -16.40 -9.22 -13.51
C SER B 41 -15.30 -9.61 -14.49
N SER B 42 -14.42 -10.51 -14.10
CA SER B 42 -13.30 -10.91 -14.93
C SER B 42 -13.75 -11.87 -16.02
N SER B 43 -12.99 -11.89 -17.12
CA SER B 43 -13.13 -12.97 -18.08
C SER B 43 -12.66 -14.30 -17.52
N ARG B 44 -11.93 -14.29 -16.41
CA ARG B 44 -11.41 -15.48 -15.76
C ARG B 44 -12.22 -15.78 -14.51
N THR B 45 -12.35 -17.07 -14.21
CA THR B 45 -13.05 -17.54 -13.02
C THR B 45 -12.05 -18.08 -12.01
N GLY B 46 -12.27 -17.77 -10.74
CA GLY B 46 -11.43 -18.32 -9.68
C GLY B 46 -10.92 -17.29 -8.70
N GLY B 47 -10.88 -16.03 -9.11
CA GLY B 47 -10.43 -14.97 -8.22
C GLY B 47 -8.99 -15.20 -7.79
N ARG B 48 -8.78 -15.22 -6.47
CA ARG B 48 -7.44 -15.39 -5.91
C ARG B 48 -7.02 -16.86 -5.83
N LEU B 49 -7.75 -17.76 -6.50
CA LEU B 49 -7.24 -19.07 -6.89
C LEU B 49 -6.83 -18.97 -8.35
N TYR B 50 -5.52 -18.99 -8.61
CA TYR B 50 -5.02 -18.54 -9.90
C TYR B 50 -3.65 -19.17 -10.15
N THR B 51 -3.64 -20.28 -10.89
CA THR B 51 -2.40 -20.90 -11.33
C THR B 51 -1.99 -20.32 -12.66
N HIS B 52 -0.74 -19.89 -12.77
CA HIS B 52 -0.17 -19.47 -14.04
C HIS B 52 0.59 -20.64 -14.65
N HIS B 53 0.22 -21.02 -15.86
CA HIS B 53 0.87 -22.11 -16.57
C HIS B 53 1.78 -21.53 -17.66
N PHE B 54 3.08 -21.76 -17.52
CA PHE B 54 4.02 -21.31 -18.54
C PHE B 54 3.84 -22.10 -19.84
N THR B 55 3.70 -23.42 -19.72
CA THR B 55 3.28 -24.30 -20.80
C THR B 55 2.33 -25.32 -20.21
N ASP B 56 1.89 -26.28 -21.02
CA ASP B 56 1.05 -27.37 -20.52
CA ASP B 56 1.07 -27.38 -20.51
C ASP B 56 1.88 -28.50 -19.90
N ALA B 57 3.19 -28.37 -19.86
CA ALA B 57 3.99 -29.42 -19.27
C ALA B 57 3.59 -29.62 -17.80
N LYS B 58 3.91 -30.81 -17.29
CA LYS B 58 3.30 -31.29 -16.05
C LYS B 58 3.49 -30.30 -14.89
N HIS B 59 4.73 -29.85 -14.67
CA HIS B 59 5.06 -29.02 -13.52
C HIS B 59 5.45 -27.60 -13.89
N ASP B 60 5.06 -27.14 -15.08
CA ASP B 60 5.50 -25.85 -15.59
C ASP B 60 4.53 -24.73 -15.20
N TYR B 61 4.39 -24.53 -13.90
CA TYR B 61 3.42 -23.57 -13.39
C TYR B 61 3.87 -23.01 -12.05
N TYR B 62 3.16 -21.98 -11.60
CA TYR B 62 3.22 -21.52 -10.23
C TYR B 62 1.87 -20.91 -9.89
N ASP B 63 1.55 -20.89 -8.60
CA ASP B 63 0.26 -20.38 -8.14
C ASP B 63 0.41 -18.91 -7.76
N ILE B 64 -0.28 -18.04 -8.51
CA ILE B 64 -0.25 -16.61 -8.23
C ILE B 64 -0.95 -16.32 -6.91
N GLY B 65 -2.02 -17.05 -6.60
CA GLY B 65 -2.73 -16.88 -5.36
C GLY B 65 -2.45 -17.99 -4.38
N ALA B 66 -3.51 -18.68 -3.93
CA ALA B 66 -3.35 -19.73 -2.93
C ALA B 66 -2.49 -20.87 -3.47
N MET B 67 -1.69 -21.47 -2.58
CA MET B 67 -0.76 -22.50 -3.03
C MET B 67 -0.46 -23.57 -1.99
N ARG B 68 -0.65 -23.30 -0.71
CA ARG B 68 -0.24 -24.23 0.34
C ARG B 68 -1.28 -24.27 1.45
N TYR B 69 -1.44 -25.46 2.05
CA TYR B 69 -2.54 -25.68 3.00
C TYR B 69 -2.08 -26.49 4.21
N PRO B 70 -2.14 -25.91 5.41
CA PRO B 70 -1.74 -26.64 6.61
C PRO B 70 -2.87 -27.55 7.08
N ASP B 71 -2.53 -28.81 7.36
CA ASP B 71 -3.51 -29.79 7.84
C ASP B 71 -3.69 -29.62 9.35
N ILE B 72 -4.39 -28.55 9.71
CA ILE B 72 -4.73 -28.29 11.11
C ILE B 72 -6.24 -28.39 11.23
N PRO B 73 -6.76 -28.66 12.45
CA PRO B 73 -8.22 -28.84 12.60
C PRO B 73 -9.05 -27.67 12.09
N SER B 74 -8.58 -26.44 12.27
CA SER B 74 -9.36 -25.27 11.84
C SER B 74 -9.43 -25.13 10.32
N MET B 75 -8.70 -25.94 9.57
CA MET B 75 -8.74 -25.92 8.11
C MET B 75 -9.46 -27.11 7.52
N LYS B 76 -10.26 -27.82 8.34
CA LYS B 76 -10.86 -29.08 7.90
C LYS B 76 -11.82 -28.85 6.72
N ARG B 77 -12.55 -27.74 6.72
CA ARG B 77 -13.49 -27.48 5.64
C ARG B 77 -12.77 -27.34 4.30
N THR B 78 -11.57 -26.77 4.31
CA THR B 78 -10.80 -26.66 3.06
C THR B 78 -10.41 -28.04 2.55
N PHE B 79 -9.93 -28.91 3.45
CA PHE B 79 -9.50 -30.23 3.02
C PHE B 79 -10.68 -31.11 2.65
N ASN B 80 -11.87 -30.86 3.20
CA ASN B 80 -13.05 -31.57 2.76
C ASN B 80 -13.47 -31.14 1.36
N LEU B 81 -13.31 -29.85 1.04
CA LEU B 81 -13.52 -29.40 -0.33
C LEU B 81 -12.52 -30.03 -1.28
N PHE B 82 -11.28 -30.23 -0.83
CA PHE B 82 -10.30 -30.96 -1.63
C PHE B 82 -10.77 -32.38 -1.88
N LYS B 83 -11.26 -33.06 -0.83
CA LYS B 83 -11.77 -34.41 -0.99
C LYS B 83 -13.00 -34.46 -1.88
N ARG B 84 -13.92 -33.51 -1.70
CA ARG B 84 -15.14 -33.47 -2.49
C ARG B 84 -14.85 -33.44 -3.97
N THR B 85 -13.81 -32.70 -4.37
CA THR B 85 -13.52 -32.46 -5.76
C THR B 85 -12.38 -33.32 -6.28
N GLY B 86 -11.87 -34.24 -5.46
CA GLY B 86 -10.82 -35.14 -5.89
C GLY B 86 -9.50 -34.46 -6.20
N MET B 87 -9.11 -33.48 -5.39
CA MET B 87 -7.87 -32.75 -5.66
C MET B 87 -6.66 -33.65 -5.49
N PRO B 88 -5.71 -33.65 -6.43
CA PRO B 88 -4.48 -34.41 -6.23
C PRO B 88 -3.53 -33.72 -5.27
N LEU B 89 -3.67 -34.01 -3.98
CA LEU B 89 -2.84 -33.39 -2.96
C LEU B 89 -1.50 -34.11 -2.83
N ILE B 90 -0.44 -33.34 -2.68
CA ILE B 90 0.90 -33.85 -2.41
C ILE B 90 1.48 -33.03 -1.26
N LYS B 91 2.56 -33.54 -0.68
CA LYS B 91 3.16 -32.87 0.46
C LYS B 91 3.81 -31.57 0.04
N TYR B 92 3.60 -30.52 0.84
CA TYR B 92 4.26 -29.23 0.68
C TYR B 92 5.25 -29.07 1.82
N TYR B 93 6.46 -28.64 1.51
CA TYR B 93 7.53 -28.52 2.49
C TYR B 93 7.67 -27.05 2.86
N LEU B 94 7.04 -26.65 3.98
CA LEU B 94 7.21 -25.31 4.51
C LEU B 94 8.67 -25.03 4.82
N ASP B 95 9.32 -25.95 5.54
CA ASP B 95 10.73 -25.89 5.83
C ASP B 95 11.43 -27.00 5.07
N GLY B 96 12.48 -26.65 4.34
CA GLY B 96 13.21 -27.64 3.56
C GLY B 96 14.55 -27.97 4.18
N GLU B 97 15.54 -28.29 3.36
CA GLU B 97 16.90 -28.52 3.84
C GLU B 97 17.87 -27.69 3.03
N ASN B 98 18.79 -27.04 3.75
CA ASN B 98 19.89 -26.23 3.20
C ASN B 98 19.42 -24.91 2.62
N THR B 99 18.25 -24.43 3.01
CA THR B 99 17.78 -23.14 2.52
C THR B 99 18.57 -22.01 3.18
N PRO B 100 19.10 -21.06 2.42
CA PRO B 100 19.88 -19.98 3.01
C PRO B 100 19.02 -18.86 3.58
N GLN B 101 19.59 -18.16 4.56
CA GLN B 101 19.01 -16.94 5.11
C GLN B 101 20.09 -15.86 5.09
N LEU B 102 19.75 -14.69 4.56
CA LEU B 102 20.73 -13.63 4.31
C LEU B 102 20.22 -12.30 4.85
N TYR B 103 20.82 -11.82 5.94
CA TYR B 103 20.44 -10.54 6.53
C TYR B 103 21.71 -9.74 6.84
N ASN B 104 21.67 -8.44 6.53
CA ASN B 104 22.82 -7.57 6.67
C ASN B 104 24.04 -8.14 5.95
N ASN B 105 23.78 -8.77 4.80
CA ASN B 105 24.82 -9.34 3.94
C ASN B 105 25.62 -10.42 4.65
N HIS B 106 25.02 -11.10 5.61
CA HIS B 106 25.61 -12.23 6.29
C HIS B 106 24.66 -13.42 6.22
N PHE B 107 25.21 -14.61 6.02
CA PHE B 107 24.40 -15.82 6.00
C PHE B 107 24.20 -16.35 7.41
N PHE B 108 23.02 -16.91 7.64
CA PHE B 108 22.74 -17.53 8.93
C PHE B 108 23.62 -18.74 9.14
N ALA B 109 23.93 -19.01 10.41
CA ALA B 109 24.64 -20.22 10.79
C ALA B 109 24.13 -20.64 12.15
N LYS B 110 23.82 -21.92 12.32
CA LYS B 110 23.27 -22.37 13.59
C LYS B 110 24.31 -22.28 14.69
N GLY B 111 23.85 -21.92 15.88
CA GLY B 111 24.71 -21.91 17.04
C GLY B 111 25.85 -20.90 17.02
N VAL B 112 25.77 -19.85 16.23
CA VAL B 112 26.68 -18.71 16.35
C VAL B 112 25.87 -17.53 16.88
N VAL B 113 26.45 -16.79 17.83
CA VAL B 113 25.78 -15.63 18.39
C VAL B 113 25.79 -14.52 17.35
N ASP B 114 24.61 -13.97 17.06
CA ASP B 114 24.47 -12.83 16.15
C ASP B 114 25.22 -13.04 14.82
N PRO B 115 24.84 -14.05 14.02
CA PRO B 115 25.54 -14.26 12.76
C PRO B 115 25.38 -13.14 11.76
N TYR B 116 24.32 -12.33 11.88
CA TYR B 116 24.08 -11.23 10.95
C TYR B 116 24.79 -9.95 11.35
N MET B 117 25.43 -9.92 12.52
CA MET B 117 26.17 -8.75 13.00
C MET B 117 25.25 -7.53 13.15
N VAL B 118 24.08 -7.74 13.74
CA VAL B 118 23.13 -6.65 13.97
C VAL B 118 22.97 -6.30 15.45
N SER B 119 23.59 -7.05 16.36
CA SER B 119 23.41 -6.79 17.78
C SER B 119 24.21 -5.56 18.21
N VAL B 120 23.83 -5.02 19.37
CA VAL B 120 24.52 -3.86 19.93
C VAL B 120 25.98 -4.18 20.17
N ALA B 121 26.28 -5.39 20.66
CA ALA B 121 27.67 -5.77 20.91
C ALA B 121 28.50 -5.76 19.64
N ASN B 122 27.88 -5.89 18.46
CA ASN B 122 28.59 -5.90 17.20
C ASN B 122 28.41 -4.60 16.41
N GLY B 123 27.97 -3.54 17.07
CA GLY B 123 27.81 -2.26 16.41
C GLY B 123 26.44 -1.97 15.84
N GLY B 124 25.51 -2.93 15.91
CA GLY B 124 24.15 -2.71 15.49
C GLY B 124 23.32 -2.13 16.62
N THR B 125 21.99 -2.17 16.41
CA THR B 125 21.06 -1.62 17.40
C THR B 125 20.10 -2.64 17.97
N VAL B 126 20.18 -3.90 17.55
CA VAL B 126 19.32 -4.94 18.13
C VAL B 126 19.87 -5.34 19.49
N PRO B 127 19.07 -5.29 20.55
CA PRO B 127 19.57 -5.69 21.87
C PRO B 127 20.10 -7.12 21.85
N ASP B 128 21.19 -7.34 22.57
CA ASP B 128 21.87 -8.63 22.54
C ASP B 128 20.92 -9.77 22.92
N ASP B 129 20.10 -9.56 23.95
CA ASP B 129 19.23 -10.63 24.43
C ASP B 129 18.03 -10.87 23.51
N VAL B 130 17.88 -10.12 22.42
CA VAL B 130 16.82 -10.34 21.46
C VAL B 130 17.33 -10.94 20.15
N VAL B 131 18.56 -10.61 19.74
CA VAL B 131 18.99 -10.83 18.36
C VAL B 131 18.86 -12.30 17.96
N ASP B 132 19.14 -13.21 18.87
CA ASP B 132 19.06 -14.64 18.58
C ASP B 132 17.81 -15.31 19.15
N SER B 133 16.91 -14.54 19.75
CA SER B 133 15.78 -15.09 20.49
C SER B 133 14.43 -14.62 19.96
N VAL B 134 14.36 -14.35 18.65
CA VAL B 134 13.12 -13.81 18.07
C VAL B 134 11.98 -14.82 18.21
N GLY B 135 12.22 -16.05 17.76
CA GLY B 135 11.17 -17.06 17.84
C GLY B 135 10.71 -17.31 19.26
N GLU B 136 11.66 -17.37 20.20
CA GLU B 136 11.31 -17.60 21.60
C GLU B 136 10.50 -16.45 22.18
N LYS B 137 10.84 -15.22 21.81
CA LYS B 137 10.15 -14.08 22.39
C LYS B 137 8.80 -13.81 21.72
N LEU B 138 8.69 -14.11 20.42
CA LEU B 138 7.38 -14.05 19.79
C LEU B 138 6.47 -15.16 20.28
N GLN B 139 7.05 -16.34 20.55
CA GLN B 139 6.28 -17.40 21.17
C GLN B 139 5.78 -17.00 22.54
N GLN B 140 6.62 -16.29 23.30
CA GLN B 140 6.18 -15.77 24.60
C GLN B 140 5.08 -14.73 24.44
N ALA B 141 5.11 -13.95 23.35
CA ALA B 141 4.10 -12.92 23.15
C ALA B 141 2.81 -13.51 22.56
N PHE B 142 2.93 -14.48 21.65
CA PHE B 142 1.77 -15.07 21.00
C PHE B 142 1.28 -16.36 21.64
N GLY B 143 2.13 -17.03 22.43
CA GLY B 143 1.90 -18.43 22.72
C GLY B 143 0.64 -18.71 23.54
N TYR B 144 0.34 -17.85 24.51
CA TYR B 144 -0.88 -18.05 25.29
C TYR B 144 -2.10 -18.09 24.38
N TYR B 145 -2.21 -17.10 23.48
CA TYR B 145 -3.38 -17.02 22.61
C TYR B 145 -3.36 -18.12 21.56
N LYS B 146 -2.18 -18.53 21.10
CA LYS B 146 -2.10 -19.61 20.12
C LYS B 146 -2.63 -20.91 20.69
N GLU B 147 -2.32 -21.21 21.96
CA GLU B 147 -2.80 -22.45 22.55
C GLU B 147 -4.31 -22.38 22.79
N LYS B 148 -4.83 -21.22 23.18
CA LYS B 148 -6.27 -21.04 23.28
C LYS B 148 -6.93 -21.30 21.93
N LEU B 149 -6.33 -20.77 20.85
CA LEU B 149 -6.87 -21.01 19.51
C LEU B 149 -6.80 -22.49 19.13
N ALA B 150 -5.80 -23.22 19.65
CA ALA B 150 -5.67 -24.63 19.30
C ALA B 150 -6.73 -25.48 19.99
N GLU B 151 -7.15 -25.09 21.19
CA GLU B 151 -8.24 -25.81 21.87
C GLU B 151 -9.56 -25.60 21.16
N ASP B 152 -9.90 -24.33 20.90
CA ASP B 152 -11.17 -23.97 20.28
C ASP B 152 -10.96 -22.63 19.62
N PHE B 153 -10.98 -22.59 18.29
CA PHE B 153 -10.58 -21.37 17.59
C PHE B 153 -11.50 -20.20 17.94
N ASP B 154 -12.81 -20.45 17.97
CA ASP B 154 -13.76 -19.36 18.20
C ASP B 154 -13.60 -18.77 19.59
N LYS B 155 -13.49 -19.62 20.62
CA LYS B 155 -13.33 -19.12 21.97
C LYS B 155 -11.94 -18.53 22.18
N GLY B 156 -10.92 -19.08 21.52
CA GLY B 156 -9.62 -18.43 21.54
C GLY B 156 -9.64 -17.07 20.89
N PHE B 157 -10.39 -16.95 19.79
CA PHE B 157 -10.54 -15.66 19.13
C PHE B 157 -11.22 -14.64 20.05
N ASP B 158 -12.28 -15.07 20.75
CA ASP B 158 -12.99 -14.15 21.63
C ASP B 158 -12.13 -13.66 22.77
N GLU B 159 -11.23 -14.50 23.28
CA GLU B 159 -10.29 -14.05 24.30
C GLU B 159 -9.22 -13.14 23.70
N LEU B 160 -8.78 -13.44 22.47
CA LEU B 160 -7.81 -12.59 21.80
C LEU B 160 -8.38 -11.20 21.52
N MET B 161 -9.69 -11.10 21.31
CA MET B 161 -10.31 -9.81 21.04
C MET B 161 -10.18 -8.85 22.21
N LEU B 162 -9.90 -9.35 23.41
CA LEU B 162 -9.73 -8.49 24.56
C LEU B 162 -8.44 -7.66 24.50
N VAL B 163 -7.57 -7.91 23.52
CA VAL B 163 -6.37 -7.11 23.34
C VAL B 163 -6.28 -6.63 21.90
N ASP B 164 -7.40 -6.68 21.16
CA ASP B 164 -7.39 -6.35 19.75
C ASP B 164 -7.16 -4.87 19.49
N ASP B 165 -7.27 -4.00 20.51
CA ASP B 165 -7.01 -2.59 20.30
C ASP B 165 -5.53 -2.30 20.00
N MET B 166 -4.65 -3.26 20.28
CA MET B 166 -3.21 -3.03 20.17
C MET B 166 -2.66 -3.57 18.86
N THR B 167 -1.68 -2.86 18.31
CA THR B 167 -0.86 -3.42 17.25
C THR B 167 0.16 -4.38 17.85
N THR B 168 0.82 -5.15 16.98
CA THR B 168 1.89 -6.02 17.45
C THR B 168 2.99 -5.20 18.11
N ARG B 169 3.44 -4.13 17.44
CA ARG B 169 4.46 -3.25 18.00
C ARG B 169 4.02 -2.70 19.35
N GLU B 170 2.76 -2.28 19.46
CA GLU B 170 2.25 -1.72 20.71
C GLU B 170 2.27 -2.77 21.83
N TYR B 171 1.79 -3.98 21.54
CA TYR B 171 1.84 -5.05 22.52
C TYR B 171 3.27 -5.30 22.98
N LEU B 172 4.22 -5.32 22.05
CA LEU B 172 5.61 -5.59 22.41
C LEU B 172 6.22 -4.42 23.16
N LYS B 173 5.84 -3.18 22.82
CA LYS B 173 6.45 -2.02 23.45
C LYS B 173 6.00 -1.87 24.90
N ARG B 174 4.72 -2.10 25.17
CA ARG B 174 4.16 -1.85 26.49
C ARG B 174 4.17 -3.09 27.38
N GLY B 175 4.61 -4.23 26.88
CA GLY B 175 4.55 -5.45 27.66
C GLY B 175 3.13 -5.91 27.89
N GLY B 176 2.34 -5.94 26.82
CA GLY B 176 0.98 -6.41 26.89
C GLY B 176 0.03 -5.33 27.39
N PRO B 177 -1.22 -5.73 27.67
CA PRO B 177 -2.25 -4.73 28.00
C PRO B 177 -2.08 -4.08 29.37
N LYS B 178 -1.27 -4.63 30.28
CA LYS B 178 -1.09 -4.02 31.59
C LYS B 178 0.38 -3.98 32.01
N GLY B 179 1.30 -4.18 31.06
CA GLY B 179 2.71 -4.05 31.37
C GLY B 179 3.32 -5.21 32.13
N GLU B 180 2.65 -6.35 32.18
CA GLU B 180 3.19 -7.51 32.88
C GLU B 180 4.04 -8.41 31.98
N ALA B 181 3.94 -8.23 30.67
CA ALA B 181 4.81 -8.93 29.73
C ALA B 181 6.10 -8.16 29.56
N PRO B 182 7.12 -8.75 28.93
CA PRO B 182 8.36 -8.00 28.69
C PRO B 182 8.12 -6.81 27.77
N LYS B 183 8.84 -5.72 28.05
CA LYS B 183 8.80 -4.52 27.22
C LYS B 183 10.03 -4.50 26.32
N TYR B 184 9.83 -4.10 25.07
CA TYR B 184 10.89 -4.13 24.06
C TYR B 184 11.05 -2.74 23.45
N ASP B 185 12.29 -2.36 23.17
CA ASP B 185 12.53 -1.08 22.54
C ASP B 185 12.28 -1.20 21.03
N PHE B 186 12.34 -0.05 20.35
CA PHE B 186 11.97 0.01 18.94
C PHE B 186 12.75 -0.99 18.11
N PHE B 187 14.05 -1.10 18.34
CA PHE B 187 14.90 -1.92 17.50
C PHE B 187 14.70 -3.41 17.74
N ALA B 188 14.39 -3.81 18.97
CA ALA B 188 14.04 -5.20 19.23
C ALA B 188 12.77 -5.58 18.46
N ILE B 189 11.73 -4.75 18.58
CA ILE B 189 10.50 -4.98 17.83
C ILE B 189 10.78 -4.95 16.33
N GLN B 190 11.62 -4.01 15.90
CA GLN B 190 11.94 -3.90 14.47
C GLN B 190 12.61 -5.18 13.96
N TRP B 191 13.53 -5.73 14.73
CA TRP B 191 14.20 -6.97 14.33
C TRP B 191 13.23 -8.14 14.31
N MET B 192 12.34 -8.22 15.30
CA MET B 192 11.32 -9.26 15.30
C MET B 192 10.46 -9.20 14.04
N GLU B 193 10.06 -7.99 13.64
CA GLU B 193 9.29 -7.86 12.40
C GLU B 193 10.11 -8.32 11.20
N THR B 194 11.38 -7.93 11.14
CA THR B 194 12.23 -8.31 10.01
C THR B 194 12.35 -9.83 9.91
N GLN B 195 12.41 -10.51 11.04
CA GLN B 195 12.59 -11.96 11.07
C GLN B 195 11.28 -12.74 11.02
N ASN B 196 10.13 -12.09 11.18
CA ASN B 196 8.87 -12.79 11.33
C ASN B 196 7.87 -12.56 10.20
N THR B 197 7.88 -11.39 9.57
CA THR B 197 6.82 -11.05 8.63
C THR B 197 7.34 -10.00 7.66
N GLY B 198 6.41 -9.37 6.93
CA GLY B 198 6.78 -8.35 5.96
C GLY B 198 6.92 -6.97 6.59
N THR B 199 7.59 -6.08 5.85
CA THR B 199 7.88 -4.74 6.34
C THR B 199 6.61 -4.01 6.73
N ASN B 200 6.62 -3.42 7.93
CA ASN B 200 5.59 -2.57 8.54
C ASN B 200 4.43 -3.36 9.14
N LEU B 201 4.35 -4.68 8.94
CA LEU B 201 3.14 -5.41 9.34
C LEU B 201 2.96 -5.48 10.86
N PHE B 202 4.02 -5.23 11.64
CA PHE B 202 3.83 -5.14 13.09
C PHE B 202 3.12 -3.86 13.50
N ASP B 203 2.89 -2.93 12.58
CA ASP B 203 2.06 -1.76 12.86
C ASP B 203 0.59 -2.03 12.57
N GLN B 204 0.24 -3.25 12.17
CA GLN B 204 -1.14 -3.68 12.07
C GLN B 204 -1.50 -4.49 13.32
N ALA B 205 -2.66 -5.14 13.28
CA ALA B 205 -3.27 -5.69 14.50
C ALA B 205 -2.41 -6.79 15.12
N PHE B 206 -2.28 -6.72 16.45
CA PHE B 206 -1.65 -7.80 17.20
C PHE B 206 -2.40 -9.12 17.01
N SER B 207 -3.73 -9.07 16.98
CA SER B 207 -4.52 -10.27 16.78
C SER B 207 -4.19 -10.94 15.45
N GLU B 208 -3.87 -10.15 14.43
CA GLU B 208 -3.53 -10.72 13.13
C GLU B 208 -2.15 -11.38 13.16
N SER B 209 -1.19 -10.76 13.86
CA SER B 209 0.11 -11.41 14.04
C SER B 209 -0.02 -12.72 14.79
N VAL B 210 -0.93 -12.79 15.77
CA VAL B 210 -1.13 -14.02 16.52
C VAL B 210 -1.73 -15.10 15.62
N ILE B 211 -2.76 -14.75 14.85
CA ILE B 211 -3.44 -15.74 14.03
C ILE B 211 -2.53 -16.24 12.91
N ALA B 212 -1.78 -15.33 12.29
CA ALA B 212 -0.81 -15.75 11.28
C ALA B 212 0.24 -16.68 11.88
N SER B 213 0.67 -16.39 13.11
CA SER B 213 1.59 -17.29 13.80
C SER B 213 0.91 -18.61 14.13
N PHE B 214 -0.38 -18.57 14.47
CA PHE B 214 -1.14 -19.80 14.69
C PHE B 214 -1.21 -20.64 13.42
N ASP B 215 -1.35 -19.99 12.26
CA ASP B 215 -1.49 -20.73 11.01
C ASP B 215 -0.16 -21.27 10.50
N PHE B 216 0.89 -20.45 10.53
CA PHE B 216 2.17 -20.85 9.97
C PHE B 216 3.03 -21.64 10.95
N ASP B 217 2.86 -21.43 12.25
CA ASP B 217 3.63 -22.12 13.28
C ASP B 217 2.67 -22.74 14.29
N ASN B 218 1.84 -23.66 13.81
CA ASN B 218 0.75 -24.17 14.61
C ASN B 218 1.27 -25.10 15.71
N PRO B 219 0.69 -25.04 16.91
CA PRO B 219 1.13 -25.94 18.00
C PRO B 219 1.11 -27.42 17.65
N THR B 220 0.24 -27.83 16.73
CA THR B 220 0.17 -29.25 16.35
C THR B 220 1.29 -29.68 15.42
N LYS B 221 2.13 -28.74 14.96
CA LYS B 221 3.22 -29.04 14.02
C LYS B 221 2.69 -29.84 12.84
N PRO B 222 1.88 -29.22 11.98
CA PRO B 222 1.11 -30.01 10.99
C PRO B 222 1.90 -30.33 9.74
N GLU B 223 1.36 -31.31 9.00
CA GLU B 223 1.76 -31.51 7.62
C GLU B 223 1.13 -30.45 6.73
N TRP B 224 1.86 -30.04 5.70
CA TRP B 224 1.37 -29.09 4.71
C TRP B 224 1.16 -29.80 3.38
N TYR B 225 0.27 -29.23 2.56
CA TYR B 225 -0.07 -29.83 1.28
C TYR B 225 -0.22 -28.77 0.21
N CYS B 226 -0.01 -29.19 -1.04
CA CYS B 226 -0.30 -28.40 -2.22
C CYS B 226 -1.13 -29.25 -3.17
N ILE B 227 -1.66 -28.62 -4.20
CA ILE B 227 -2.41 -29.31 -5.24
C ILE B 227 -1.49 -29.48 -6.44
N GLU B 228 -1.14 -30.73 -6.76
CA GLU B 228 -0.28 -31.00 -7.91
C GLU B 228 -1.02 -30.65 -9.19
N GLY B 229 -0.40 -29.83 -10.02
CA GLY B 229 -1.06 -29.26 -11.18
C GLY B 229 -1.61 -27.87 -10.96
N GLY B 230 -1.49 -27.32 -9.76
CA GLY B 230 -1.90 -25.96 -9.51
C GLY B 230 -3.25 -25.88 -8.81
N THR B 231 -3.41 -24.83 -8.00
CA THR B 231 -4.66 -24.64 -7.27
C THR B 231 -5.84 -24.42 -8.21
N SER B 232 -5.58 -23.92 -9.43
CA SER B 232 -6.65 -23.71 -10.40
C SER B 232 -7.42 -25.00 -10.72
N LEU B 233 -6.82 -26.16 -10.46
CA LEU B 233 -7.55 -27.41 -10.64
C LEU B 233 -8.80 -27.46 -9.77
N LEU B 234 -8.76 -26.81 -8.61
CA LEU B 234 -9.95 -26.73 -7.76
C LEU B 234 -11.04 -25.90 -8.42
N VAL B 235 -10.66 -24.80 -9.07
CA VAL B 235 -11.65 -23.96 -9.75
C VAL B 235 -12.31 -24.72 -10.89
N ASP B 236 -11.50 -25.42 -11.69
CA ASP B 236 -12.05 -26.23 -12.78
C ASP B 236 -13.08 -27.23 -12.27
N ALA B 237 -12.75 -27.92 -11.17
CA ALA B 237 -13.66 -28.94 -10.64
C ALA B 237 -14.93 -28.32 -10.07
N MET B 238 -14.81 -27.21 -9.34
CA MET B 238 -15.99 -26.55 -8.81
C MET B 238 -16.86 -26.00 -9.94
N LYS B 239 -16.23 -25.40 -10.96
CA LYS B 239 -16.97 -24.87 -12.10
C LYS B 239 -17.74 -25.97 -12.82
N GLU B 240 -17.15 -27.16 -12.92
CA GLU B 240 -17.75 -28.22 -13.71
C GLU B 240 -19.10 -28.65 -13.14
N THR B 241 -19.20 -28.70 -11.82
CA THR B 241 -20.42 -29.20 -11.17
C THR B 241 -21.57 -28.20 -11.20
N LEU B 242 -21.32 -26.95 -11.59
CA LEU B 242 -22.33 -25.90 -11.44
C LEU B 242 -23.57 -26.21 -12.27
N VAL B 243 -24.73 -26.11 -11.63
CA VAL B 243 -25.99 -26.22 -12.35
C VAL B 243 -26.20 -25.00 -13.23
N HIS B 244 -25.87 -23.82 -12.72
CA HIS B 244 -25.93 -22.58 -13.48
C HIS B 244 -24.51 -22.05 -13.64
N LYS B 245 -24.07 -21.92 -14.89
CA LYS B 245 -22.68 -21.60 -15.16
C LYS B 245 -22.36 -20.15 -14.83
N VAL B 246 -21.10 -19.90 -14.49
CA VAL B 246 -20.63 -18.54 -14.26
C VAL B 246 -20.81 -17.72 -15.52
N GLN B 247 -21.29 -16.48 -15.36
CA GLN B 247 -21.36 -15.52 -16.44
C GLN B 247 -20.19 -14.55 -16.26
N ASN B 248 -19.15 -14.75 -17.05
CA ASN B 248 -17.96 -13.91 -16.96
C ASN B 248 -18.21 -12.57 -17.64
N ASN B 249 -17.29 -11.63 -17.42
CA ASN B 249 -17.38 -10.29 -17.98
C ASN B 249 -18.65 -9.57 -17.55
N LYS B 250 -19.11 -9.84 -16.33
CA LYS B 250 -20.31 -9.23 -15.76
C LYS B 250 -19.91 -8.55 -14.46
N ARG B 251 -19.55 -7.27 -14.54
CA ARG B 251 -19.11 -6.51 -13.38
C ARG B 251 -20.29 -5.77 -12.77
N VAL B 252 -20.65 -6.13 -11.54
CA VAL B 252 -21.74 -5.48 -10.83
C VAL B 252 -21.27 -4.12 -10.35
N GLU B 253 -22.07 -3.08 -10.63
CA GLU B 253 -21.76 -1.72 -10.22
C GLU B 253 -22.77 -1.13 -9.24
N ALA B 254 -23.88 -1.81 -8.98
CA ALA B 254 -24.88 -1.31 -8.06
C ALA B 254 -25.71 -2.48 -7.55
N ILE B 255 -26.12 -2.40 -6.29
CA ILE B 255 -26.98 -3.40 -5.66
C ILE B 255 -28.07 -2.66 -4.90
N SER B 256 -29.31 -3.14 -5.05
CA SER B 256 -30.46 -2.44 -4.50
C SER B 256 -31.49 -3.44 -3.99
N ILE B 257 -32.33 -2.96 -3.07
CA ILE B 257 -33.53 -3.66 -2.64
C ILE B 257 -34.69 -2.67 -2.69
N ASP B 258 -35.84 -3.14 -3.18
CA ASP B 258 -37.04 -2.30 -3.29
C ASP B 258 -37.94 -2.67 -2.12
N LEU B 259 -37.84 -1.89 -1.04
CA LEU B 259 -38.57 -2.20 0.18
C LEU B 259 -40.07 -1.98 0.04
N ASP B 260 -40.51 -1.22 -0.97
CA ASP B 260 -41.94 -1.05 -1.17
C ASP B 260 -42.57 -2.22 -1.91
N ALA B 261 -41.78 -3.01 -2.62
CA ALA B 261 -42.30 -4.22 -3.24
C ALA B 261 -42.55 -5.29 -2.18
N PRO B 262 -43.67 -6.01 -2.26
CA PRO B 262 -43.98 -7.01 -1.23
C PRO B 262 -43.25 -8.32 -1.45
N ASP B 263 -42.83 -8.56 -2.69
CA ASP B 263 -42.30 -9.84 -3.13
C ASP B 263 -41.07 -10.26 -2.32
N ASP B 264 -40.71 -11.53 -2.45
CA ASP B 264 -39.41 -11.99 -1.97
C ASP B 264 -38.30 -11.45 -2.87
N GLY B 265 -38.50 -11.51 -4.18
CA GLY B 265 -37.48 -11.12 -5.14
C GLY B 265 -37.49 -9.64 -5.46
N ASN B 266 -37.23 -8.80 -4.46
CA ASN B 266 -37.29 -7.35 -4.62
C ASN B 266 -35.90 -6.72 -4.67
N MET B 267 -34.86 -7.50 -4.97
CA MET B 267 -33.50 -7.01 -5.07
C MET B 267 -33.04 -7.04 -6.52
N SER B 268 -32.07 -6.17 -6.82
CA SER B 268 -31.54 -6.08 -8.17
C SER B 268 -30.08 -5.67 -8.12
N VAL B 269 -29.38 -5.93 -9.21
CA VAL B 269 -28.02 -5.43 -9.41
C VAL B 269 -27.92 -4.87 -10.82
N LYS B 270 -27.09 -3.84 -10.98
CA LYS B 270 -26.87 -3.22 -12.27
C LYS B 270 -25.52 -3.67 -12.81
N ILE B 271 -25.51 -4.10 -14.08
CA ILE B 271 -24.29 -4.52 -14.76
C ILE B 271 -24.24 -3.78 -16.09
N GLY B 272 -23.22 -2.94 -16.26
CA GLY B 272 -23.09 -2.20 -17.50
C GLY B 272 -24.29 -1.35 -17.84
N GLY B 273 -24.86 -0.68 -16.83
CA GLY B 273 -26.02 0.16 -17.02
C GLY B 273 -27.35 -0.57 -17.11
N LYS B 274 -27.35 -1.89 -17.24
CA LYS B 274 -28.58 -2.66 -17.39
C LYS B 274 -28.98 -3.27 -16.05
N ASP B 275 -30.29 -3.37 -15.84
CA ASP B 275 -30.86 -3.83 -14.57
C ASP B 275 -31.14 -5.33 -14.58
N TYR B 276 -30.74 -6.00 -13.49
CA TYR B 276 -31.01 -7.42 -13.29
C TYR B 276 -31.72 -7.56 -11.95
N SER B 277 -33.03 -7.85 -11.98
CA SER B 277 -33.83 -7.85 -10.76
C SER B 277 -34.48 -9.22 -10.54
N GLY B 278 -35.33 -9.29 -9.51
CA GLY B 278 -36.03 -10.50 -9.15
C GLY B 278 -35.36 -11.39 -8.14
N TYR B 279 -34.35 -10.88 -7.44
CA TYR B 279 -33.56 -11.71 -6.52
C TYR B 279 -34.10 -11.63 -5.10
N SER B 280 -34.16 -12.80 -4.44
CA SER B 280 -34.58 -12.86 -3.06
C SER B 280 -33.42 -12.59 -2.09
N THR B 281 -32.19 -12.69 -2.56
CA THR B 281 -31.01 -12.51 -1.73
C THR B 281 -29.81 -12.31 -2.64
N VAL B 282 -28.88 -11.46 -2.22
CA VAL B 282 -27.65 -11.19 -2.97
C VAL B 282 -26.46 -11.54 -2.08
N PHE B 283 -25.58 -12.40 -2.58
CA PHE B 283 -24.31 -12.72 -1.92
C PHE B 283 -23.20 -11.98 -2.66
N ASN B 284 -22.62 -10.98 -2.01
CA ASN B 284 -21.44 -10.31 -2.55
C ASN B 284 -20.19 -11.01 -1.99
N THR B 285 -19.38 -11.55 -2.90
CA THR B 285 -18.19 -12.31 -2.52
C THR B 285 -16.90 -11.61 -2.92
N THR B 286 -16.99 -10.38 -3.42
CA THR B 286 -15.81 -9.67 -3.89
C THR B 286 -14.97 -9.17 -2.72
N ALA B 287 -13.72 -8.82 -3.03
CA ALA B 287 -12.91 -8.06 -2.09
C ALA B 287 -13.61 -6.75 -1.74
N LEU B 288 -13.36 -6.26 -0.53
CA LEU B 288 -14.11 -5.11 -0.03
C LEU B 288 -13.83 -3.85 -0.84
N GLY B 289 -12.66 -3.74 -1.44
CA GLY B 289 -12.39 -2.60 -2.31
C GLY B 289 -13.31 -2.55 -3.51
N CYS B 290 -13.62 -3.71 -4.08
CA CYS B 290 -14.54 -3.77 -5.21
C CYS B 290 -15.97 -3.45 -4.77
N LEU B 291 -16.34 -3.88 -3.57
CA LEU B 291 -17.67 -3.59 -3.05
C LEU B 291 -17.85 -2.09 -2.79
N ASP B 292 -16.79 -1.42 -2.32
CA ASP B 292 -16.90 0.00 -2.02
C ASP B 292 -17.12 0.83 -3.26
N ARG B 293 -16.70 0.34 -4.44
CA ARG B 293 -16.92 1.07 -5.68
C ARG B 293 -18.35 1.00 -6.16
N MET B 294 -19.12 0.02 -5.68
CA MET B 294 -20.51 -0.11 -6.12
C MET B 294 -21.39 0.96 -5.50
N ASP B 295 -22.45 1.32 -6.21
CA ASP B 295 -23.50 2.16 -5.64
C ASP B 295 -24.37 1.28 -4.77
N LEU B 296 -24.22 1.40 -3.46
CA LEU B 296 -24.94 0.58 -2.50
C LEU B 296 -26.06 1.35 -1.81
N ARG B 297 -26.41 2.53 -2.31
CA ARG B 297 -27.43 3.36 -1.66
C ARG B 297 -28.76 2.63 -1.53
N GLY B 298 -29.11 1.82 -2.53
CA GLY B 298 -30.35 1.08 -2.51
C GLY B 298 -30.43 0.02 -1.43
N LEU B 299 -29.33 -0.15 -0.68
CA LEU B 299 -29.28 -1.13 0.40
C LEU B 299 -29.38 -0.54 1.79
N ASN B 300 -29.17 0.76 1.93
CA ASN B 300 -29.31 1.46 3.22
C ASN B 300 -28.44 0.81 4.30
N LEU B 301 -27.17 0.60 3.96
CA LEU B 301 -26.25 -0.04 4.89
C LEU B 301 -26.05 0.81 6.13
N HIS B 302 -25.86 0.14 7.26
CA HIS B 302 -25.49 0.82 8.49
C HIS B 302 -24.23 1.64 8.26
N PRO B 303 -24.16 2.87 8.76
CA PRO B 303 -23.00 3.73 8.46
C PRO B 303 -21.66 3.13 8.87
N THR B 304 -21.62 2.38 9.98
CA THR B 304 -20.38 1.73 10.38
C THR B 304 -20.08 0.50 9.53
N GLN B 305 -21.12 -0.14 8.99
CA GLN B 305 -20.90 -1.21 8.02
C GLN B 305 -20.26 -0.67 6.75
N ALA B 306 -20.70 0.50 6.29
CA ALA B 306 -20.06 1.14 5.15
C ALA B 306 -18.63 1.55 5.47
N ASP B 307 -18.40 2.02 6.70
CA ASP B 307 -17.04 2.34 7.13
C ASP B 307 -16.14 1.11 7.04
N ALA B 308 -16.65 -0.06 7.45
CA ALA B 308 -15.86 -1.28 7.42
C ALA B 308 -15.48 -1.64 5.99
N ILE B 309 -16.41 -1.46 5.04
CA ILE B 309 -16.08 -1.74 3.64
C ILE B 309 -14.93 -0.87 3.18
N ARG B 310 -14.95 0.41 3.54
CA ARG B 310 -13.91 1.33 3.07
C ARG B 310 -12.60 1.14 3.81
N CYS B 311 -12.64 0.90 5.12
CA CYS B 311 -11.46 1.08 5.96
C CYS B 311 -10.78 -0.19 6.44
N LEU B 312 -11.47 -1.33 6.47
CA LEU B 312 -10.80 -2.58 6.83
C LEU B 312 -9.56 -2.76 5.98
N HIS B 313 -8.43 -2.99 6.64
CA HIS B 313 -7.14 -2.88 5.96
C HIS B 313 -6.82 -4.13 5.14
N TYR B 314 -6.28 -3.90 3.96
CA TYR B 314 -5.78 -4.95 3.08
C TYR B 314 -4.27 -4.81 2.94
N ALA B 315 -3.58 -5.94 2.80
CA ALA B 315 -2.16 -5.95 2.54
C ALA B 315 -1.91 -6.28 1.07
N ASN B 316 -0.82 -5.73 0.54
CA ASN B 316 -0.39 -6.05 -0.81
C ASN B 316 0.42 -7.34 -0.81
N SER B 317 0.45 -8.00 -1.96
CA SER B 317 1.34 -9.14 -2.16
C SER B 317 1.71 -9.24 -3.63
N THR B 318 2.98 -9.55 -3.89
CA THR B 318 3.51 -9.70 -5.22
C THR B 318 4.28 -11.01 -5.29
N LYS B 319 4.17 -11.70 -6.43
CA LYS B 319 4.91 -12.93 -6.68
C LYS B 319 5.63 -12.82 -8.00
N VAL B 320 6.85 -13.36 -8.05
CA VAL B 320 7.67 -13.39 -9.26
C VAL B 320 8.20 -14.82 -9.43
N ALA B 321 7.91 -15.43 -10.56
CA ALA B 321 8.31 -16.80 -10.84
C ALA B 321 9.16 -16.84 -12.10
N LEU B 322 10.29 -17.54 -12.03
CA LEU B 322 11.24 -17.63 -13.14
C LEU B 322 11.43 -19.08 -13.54
N LYS B 323 11.58 -19.32 -14.84
CA LYS B 323 11.85 -20.64 -15.39
C LYS B 323 13.34 -20.80 -15.62
N PHE B 324 13.89 -21.93 -15.16
CA PHE B 324 15.30 -22.23 -15.34
C PHE B 324 15.45 -23.55 -16.08
N SER B 325 16.56 -23.68 -16.83
CA SER B 325 16.79 -24.85 -17.65
C SER B 325 17.01 -26.12 -16.82
N TYR B 326 17.36 -25.97 -15.55
CA TYR B 326 17.51 -27.10 -14.64
C TYR B 326 17.43 -26.57 -13.21
N PRO B 327 16.92 -27.36 -12.27
CA PRO B 327 16.77 -26.86 -10.89
C PRO B 327 18.10 -26.70 -10.19
N TRP B 328 18.80 -25.58 -10.45
CA TRP B 328 20.13 -25.38 -9.89
C TRP B 328 20.11 -25.31 -8.37
N TRP B 329 18.98 -24.91 -7.77
CA TRP B 329 18.91 -24.90 -6.31
C TRP B 329 18.92 -26.32 -5.75
N ILE B 330 18.32 -27.27 -6.47
CA ILE B 330 18.37 -28.67 -6.05
C ILE B 330 19.76 -29.24 -6.26
N LYS B 331 20.28 -29.11 -7.48
CA LYS B 331 21.47 -29.83 -7.89
C LYS B 331 22.75 -29.21 -7.34
N ASP B 332 22.86 -27.89 -7.35
CA ASP B 332 24.11 -27.22 -6.98
C ASP B 332 24.14 -26.72 -5.55
N CYS B 333 23.00 -26.60 -4.88
CA CYS B 333 22.93 -26.08 -3.52
C CYS B 333 22.40 -27.08 -2.51
N GLY B 334 22.00 -28.26 -2.94
CA GLY B 334 21.44 -29.23 -2.00
C GLY B 334 20.10 -28.85 -1.43
N ILE B 335 19.37 -27.96 -2.09
CA ILE B 335 18.02 -27.57 -1.64
C ILE B 335 17.07 -28.54 -2.34
N THR B 336 16.91 -29.71 -1.75
CA THR B 336 16.21 -30.81 -2.40
C THR B 336 14.81 -31.04 -1.85
N CYS B 337 14.38 -30.31 -0.83
CA CYS B 337 13.10 -30.61 -0.17
C CYS B 337 12.28 -29.35 0.04
N GLY B 338 12.11 -28.56 -1.02
CA GLY B 338 11.30 -27.36 -0.90
C GLY B 338 11.84 -26.41 0.15
N GLY B 339 10.94 -25.86 0.95
CA GLY B 339 11.34 -24.85 1.91
C GLY B 339 11.39 -23.48 1.26
N ALA B 340 12.07 -22.56 1.94
CA ALA B 340 12.14 -21.19 1.45
C ALA B 340 13.38 -20.50 2.02
N ALA B 341 13.92 -19.58 1.23
CA ALA B 341 15.02 -18.73 1.65
C ALA B 341 14.51 -17.33 1.94
N SER B 342 14.96 -16.75 3.04
CA SER B 342 14.50 -15.43 3.46
C SER B 342 15.67 -14.48 3.59
N THR B 343 15.42 -13.21 3.28
CA THR B 343 16.47 -12.21 3.21
C THR B 343 15.85 -10.83 3.40
N ASP B 344 16.69 -9.87 3.78
CA ASP B 344 16.27 -8.48 3.77
C ASP B 344 16.49 -7.83 2.42
N LEU B 345 16.98 -8.57 1.44
CA LEU B 345 17.08 -8.09 0.07
C LEU B 345 15.68 -7.92 -0.52
N PRO B 346 15.53 -7.08 -1.55
CA PRO B 346 14.19 -6.77 -2.09
C PRO B 346 13.29 -7.98 -2.35
N LEU B 347 13.83 -9.12 -2.78
CA LEU B 347 12.95 -10.25 -3.06
C LEU B 347 12.36 -10.86 -1.79
N ARG B 348 12.95 -10.57 -0.62
CA ARG B 348 12.44 -10.99 0.68
C ARG B 348 12.38 -12.51 0.87
N THR B 349 11.62 -13.21 0.03
CA THR B 349 11.41 -14.64 0.23
C THR B 349 11.44 -15.38 -1.10
N CYS B 350 12.30 -16.39 -1.19
CA CYS B 350 12.41 -17.24 -2.36
C CYS B 350 11.93 -18.63 -1.99
N VAL B 351 10.87 -19.08 -2.67
CA VAL B 351 10.20 -20.34 -2.31
C VAL B 351 10.59 -21.41 -3.32
N TYR B 352 11.18 -22.48 -2.83
CA TYR B 352 11.50 -23.63 -3.67
C TYR B 352 10.27 -24.53 -3.80
N PRO B 353 9.83 -24.83 -5.02
CA PRO B 353 8.56 -25.55 -5.18
C PRO B 353 8.64 -26.97 -4.65
N SER B 354 7.55 -27.42 -4.04
CA SER B 354 7.44 -28.78 -3.55
C SER B 354 7.00 -29.78 -4.62
N TYR B 355 6.69 -29.30 -5.82
CA TYR B 355 6.03 -30.13 -6.83
C TYR B 355 6.93 -30.53 -8.00
N ASN B 356 8.20 -30.11 -8.01
CA ASN B 356 9.11 -30.46 -9.10
C ASN B 356 10.41 -31.03 -8.58
N LEU B 357 10.39 -31.65 -7.39
CA LEU B 357 11.63 -32.06 -6.74
C LEU B 357 12.32 -33.20 -7.48
N GLY B 358 11.57 -34.00 -8.23
CA GLY B 358 12.16 -35.07 -9.01
C GLY B 358 12.53 -34.70 -10.43
N ASP B 359 12.24 -33.48 -10.86
CA ASP B 359 12.51 -33.07 -12.23
C ASP B 359 13.97 -32.67 -12.40
N THR B 360 14.53 -33.01 -13.57
CA THR B 360 15.92 -32.73 -13.87
C THR B 360 16.12 -31.72 -14.98
N GLY B 361 15.08 -31.40 -15.73
CA GLY B 361 15.13 -30.41 -16.79
C GLY B 361 14.56 -29.08 -16.33
N GLU B 362 13.77 -28.46 -17.21
CA GLU B 362 13.17 -27.16 -16.92
C GLU B 362 12.42 -27.19 -15.60
N ALA B 363 12.62 -26.16 -14.79
CA ALA B 363 12.00 -26.06 -13.48
C ALA B 363 11.63 -24.61 -13.17
N VAL B 364 10.54 -24.44 -12.43
CA VAL B 364 10.06 -23.13 -12.03
C VAL B 364 10.54 -22.84 -10.62
N LEU B 365 10.97 -21.60 -10.37
CA LEU B 365 11.30 -21.12 -9.05
C LEU B 365 10.43 -19.92 -8.72
N LEU B 366 9.72 -19.98 -7.59
CA LEU B 366 9.00 -18.82 -7.08
C LEU B 366 10.03 -17.92 -6.44
N ALA B 367 10.64 -17.06 -7.26
CA ALA B 367 11.87 -16.38 -6.86
C ALA B 367 11.61 -15.25 -5.86
N SER B 368 10.42 -14.66 -5.87
CA SER B 368 10.12 -13.61 -4.90
C SER B 368 8.66 -13.68 -4.50
N TYR B 369 8.42 -13.75 -3.19
CA TYR B 369 7.08 -13.72 -2.61
C TYR B 369 7.12 -12.68 -1.49
N THR B 370 6.42 -11.56 -1.67
CA THR B 370 6.50 -10.42 -0.76
C THR B 370 5.11 -10.03 -0.28
N TRP B 371 5.06 -9.32 0.85
CA TRP B 371 3.84 -8.71 1.36
C TRP B 371 4.08 -7.22 1.59
N SER B 372 2.98 -6.48 1.67
CA SER B 372 2.97 -5.13 2.26
C SER B 372 3.88 -4.21 1.43
N GLN B 373 4.70 -3.39 2.07
CA GLN B 373 5.52 -2.42 1.34
C GLN B 373 6.52 -3.12 0.43
N ASP B 374 7.07 -4.26 0.88
CA ASP B 374 7.95 -5.03 0.00
C ASP B 374 7.26 -5.39 -1.30
N ALA B 375 6.00 -5.79 -1.22
CA ALA B 375 5.24 -6.16 -2.41
C ALA B 375 4.91 -4.94 -3.27
N THR B 376 4.62 -3.82 -2.63
CA THR B 376 4.36 -2.60 -3.39
C THR B 376 5.61 -2.15 -4.13
N ARG B 377 6.78 -2.34 -3.53
CA ARG B 377 8.01 -1.93 -4.19
C ARG B 377 8.37 -2.86 -5.34
N ILE B 378 8.20 -4.18 -5.15
CA ILE B 378 8.40 -5.09 -6.27
C ILE B 378 7.32 -4.89 -7.32
N GLY B 379 6.07 -4.67 -6.88
CA GLY B 379 4.97 -4.54 -7.82
C GLY B 379 5.09 -3.35 -8.74
N SER B 380 5.85 -2.33 -8.33
CA SER B 380 6.05 -1.17 -9.19
C SER B 380 6.91 -1.48 -10.40
N LEU B 381 7.62 -2.61 -10.39
CA LEU B 381 8.37 -3.05 -11.56
C LEU B 381 7.59 -4.04 -12.41
N VAL B 382 6.40 -4.46 -11.98
CA VAL B 382 5.63 -5.47 -12.68
C VAL B 382 4.79 -4.76 -13.74
N LYS B 383 5.24 -4.86 -14.99
CA LYS B 383 4.55 -4.30 -16.13
C LYS B 383 4.00 -5.44 -16.98
N ASP B 384 3.41 -5.10 -18.12
CA ASP B 384 2.87 -6.13 -19.00
C ASP B 384 3.72 -6.41 -20.22
N ALA B 385 4.43 -5.42 -20.74
CA ALA B 385 5.28 -5.64 -21.91
C ALA B 385 6.76 -5.43 -21.54
N PRO B 386 7.36 -6.33 -20.76
CA PRO B 386 8.77 -6.17 -20.43
C PRO B 386 9.65 -6.34 -21.66
N PRO B 387 10.93 -6.06 -21.56
CA PRO B 387 11.82 -6.23 -22.71
C PRO B 387 12.86 -7.33 -22.53
N GLN B 388 13.04 -8.15 -23.57
CA GLN B 388 14.24 -8.97 -23.63
C GLN B 388 15.42 -8.09 -24.06
N PRO B 389 16.63 -8.31 -23.53
CA PRO B 389 17.18 -9.35 -22.65
C PRO B 389 16.97 -9.13 -21.15
N PRO B 390 17.34 -10.12 -20.32
CA PRO B 390 17.16 -9.96 -18.86
C PRO B 390 17.63 -8.64 -18.28
N LYS B 391 18.82 -8.18 -18.65
CA LYS B 391 19.34 -6.94 -18.07
C LYS B 391 18.45 -5.75 -18.38
N GLU B 392 17.78 -5.77 -19.55
CA GLU B 392 16.93 -4.64 -19.93
C GLU B 392 15.62 -4.60 -19.13
N ASP B 393 15.18 -5.74 -18.61
CA ASP B 393 14.05 -5.79 -17.68
C ASP B 393 14.58 -5.57 -16.27
N GLU B 394 14.18 -4.46 -15.65
CA GLU B 394 14.68 -4.13 -14.32
C GLU B 394 14.30 -5.20 -13.30
N LEU B 395 13.06 -5.70 -13.38
CA LEU B 395 12.61 -6.69 -12.41
C LEU B 395 13.40 -7.99 -12.54
N VAL B 396 13.57 -8.48 -13.77
CA VAL B 396 14.35 -9.70 -13.99
C VAL B 396 15.76 -9.53 -13.43
N GLU B 397 16.42 -8.43 -13.79
CA GLU B 397 17.79 -8.22 -13.35
C GLU B 397 17.88 -8.11 -11.83
N LEU B 398 16.91 -7.42 -11.21
CA LEU B 398 16.88 -7.34 -9.75
C LEU B 398 16.77 -8.73 -9.15
N ILE B 399 15.83 -9.55 -9.66
CA ILE B 399 15.62 -10.89 -9.12
C ILE B 399 16.90 -11.73 -9.27
N LEU B 400 17.50 -11.70 -10.46
CA LEU B 400 18.70 -12.50 -10.70
C LEU B 400 19.83 -12.08 -9.79
N GLN B 401 20.01 -10.77 -9.58
CA GLN B 401 21.08 -10.29 -8.70
C GLN B 401 20.80 -10.70 -7.26
N ASN B 402 19.56 -10.53 -6.80
CA ASN B 402 19.22 -10.95 -5.44
C ASN B 402 19.39 -12.45 -5.27
N LEU B 403 18.98 -13.24 -6.29
CA LEU B 403 19.16 -14.68 -6.23
C LEU B 403 20.64 -15.05 -6.10
N ALA B 404 21.49 -14.32 -6.81
CA ALA B 404 22.93 -14.59 -6.76
C ALA B 404 23.48 -14.36 -5.37
N ARG B 405 23.16 -13.20 -4.78
CA ARG B 405 23.63 -12.90 -3.43
C ARG B 405 23.06 -13.88 -2.41
N LEU B 406 21.79 -14.26 -2.58
CA LEU B 406 21.16 -15.17 -1.64
C LEU B 406 21.75 -16.58 -1.72
N HIS B 407 22.19 -16.99 -2.90
CA HIS B 407 22.78 -18.32 -3.10
C HIS B 407 24.28 -18.23 -3.40
N ALA B 408 24.94 -17.19 -2.89
CA ALA B 408 26.35 -16.99 -3.12
C ALA B 408 27.22 -18.06 -2.48
N GLU B 409 26.66 -18.93 -1.65
CA GLU B 409 27.42 -20.01 -1.04
C GLU B 409 27.73 -21.13 -2.03
N HIS B 410 27.00 -21.19 -3.15
CA HIS B 410 27.21 -22.25 -4.14
C HIS B 410 27.08 -21.80 -5.59
N MET B 411 26.50 -20.64 -5.86
CA MET B 411 26.26 -20.18 -7.22
C MET B 411 26.91 -18.82 -7.43
N THR B 412 27.19 -18.52 -8.69
CA THR B 412 27.56 -17.18 -9.11
C THR B 412 26.37 -16.55 -9.83
N TYR B 413 26.41 -15.22 -9.94
CA TYR B 413 25.44 -14.52 -10.77
C TYR B 413 25.49 -15.05 -12.20
N GLU B 414 26.68 -15.37 -12.68
CA GLU B 414 26.85 -15.78 -14.07
C GLU B 414 26.13 -17.09 -14.35
N LYS B 415 26.24 -18.06 -13.44
CA LYS B 415 25.66 -19.37 -13.70
C LYS B 415 24.15 -19.39 -13.42
N ILE B 416 23.65 -18.54 -12.52
CA ILE B 416 22.21 -18.39 -12.42
C ILE B 416 21.66 -17.71 -13.66
N LYS B 417 22.35 -16.68 -14.14
CA LYS B 417 21.94 -15.98 -15.35
C LYS B 417 21.89 -16.93 -16.54
N GLU B 418 22.92 -17.77 -16.71
CA GLU B 418 22.92 -18.69 -17.84
C GLU B 418 21.86 -19.78 -17.73
N ALA B 419 21.46 -20.15 -16.50
CA ALA B 419 20.41 -21.14 -16.34
C ALA B 419 19.03 -20.55 -16.56
N TYR B 420 18.88 -19.24 -16.40
CA TYR B 420 17.61 -18.56 -16.65
C TYR B 420 17.22 -18.70 -18.11
N THR B 421 16.02 -19.23 -18.35
CA THR B 421 15.55 -19.44 -19.72
C THR B 421 15.10 -18.16 -20.41
N GLY B 422 14.90 -17.08 -19.67
CA GLY B 422 14.29 -15.89 -20.22
C GLY B 422 12.78 -15.86 -20.10
N VAL B 423 12.20 -16.86 -19.44
CA VAL B 423 10.75 -16.95 -19.24
C VAL B 423 10.46 -16.68 -17.77
N TYR B 424 9.65 -15.67 -17.50
CA TYR B 424 9.25 -15.37 -16.14
C TYR B 424 7.87 -14.74 -16.16
N HIS B 425 7.22 -14.74 -15.00
CA HIS B 425 5.93 -14.10 -14.82
C HIS B 425 5.86 -13.48 -13.43
N ALA B 426 5.16 -12.36 -13.33
CA ALA B 426 5.03 -11.64 -12.08
C ALA B 426 3.61 -11.11 -11.96
N TYR B 427 3.19 -10.87 -10.72
CA TYR B 427 1.83 -10.44 -10.45
C TYR B 427 1.80 -9.68 -9.13
N CYS B 428 1.17 -8.52 -9.14
CA CYS B 428 0.98 -7.70 -7.94
C CYS B 428 -0.52 -7.54 -7.70
N TRP B 429 -1.00 -8.09 -6.59
CA TRP B 429 -2.44 -8.20 -6.39
C TRP B 429 -3.10 -6.84 -6.19
N ALA B 430 -2.37 -5.85 -5.66
CA ALA B 430 -2.94 -4.52 -5.53
C ALA B 430 -3.18 -3.85 -6.87
N ASN B 431 -2.50 -4.31 -7.92
CA ASN B 431 -2.71 -3.78 -9.27
C ASN B 431 -3.83 -4.50 -10.01
N ASP B 432 -4.47 -5.49 -9.38
CA ASP B 432 -5.58 -6.20 -10.01
C ASP B 432 -6.86 -5.41 -9.73
N PRO B 433 -7.51 -4.86 -10.75
CA PRO B 433 -8.76 -4.13 -10.51
C PRO B 433 -9.88 -5.00 -9.95
N ASN B 434 -9.78 -6.30 -10.07
CA ASN B 434 -10.81 -7.21 -9.55
C ASN B 434 -10.57 -7.59 -8.09
N VAL B 435 -9.53 -7.07 -7.45
CA VAL B 435 -9.30 -7.33 -6.02
C VAL B 435 -8.94 -6.04 -5.30
N GLY B 436 -7.92 -5.33 -5.79
CA GLY B 436 -7.45 -4.13 -5.12
C GLY B 436 -6.51 -4.38 -3.97
N GLY B 437 -6.02 -5.60 -3.83
CA GLY B 437 -5.14 -5.96 -2.73
C GLY B 437 -4.92 -7.46 -2.75
N ALA B 438 -4.11 -7.92 -1.82
CA ALA B 438 -3.91 -9.36 -1.71
C ALA B 438 -4.98 -10.01 -0.84
N PHE B 439 -5.16 -9.51 0.37
CA PHE B 439 -6.09 -10.12 1.31
C PHE B 439 -6.25 -9.18 2.50
N ALA B 440 -7.30 -9.43 3.28
CA ALA B 440 -7.53 -8.65 4.48
C ALA B 440 -6.41 -8.88 5.49
N LEU B 441 -5.95 -7.79 6.09
CA LEU B 441 -4.99 -7.84 7.20
C LEU B 441 -5.33 -6.65 8.09
N PHE B 442 -6.20 -6.88 9.08
CA PHE B 442 -6.84 -5.80 9.79
C PHE B 442 -5.84 -5.00 10.64
N GLY B 443 -6.12 -3.71 10.78
CA GLY B 443 -5.37 -2.87 11.69
C GLY B 443 -5.88 -2.98 13.11
N PRO B 444 -5.28 -2.20 14.00
CA PRO B 444 -5.63 -2.29 15.42
C PRO B 444 -7.09 -1.91 15.65
N GLY B 445 -7.77 -2.75 16.43
CA GLY B 445 -9.15 -2.50 16.80
C GLY B 445 -10.18 -2.82 15.74
N GLN B 446 -9.77 -3.24 14.54
CA GLN B 446 -10.72 -3.44 13.46
C GLN B 446 -11.53 -4.71 13.63
N PHE B 447 -10.88 -5.80 14.06
CA PHE B 447 -11.60 -7.05 14.32
C PHE B 447 -12.67 -6.86 15.38
N SER B 448 -12.35 -6.14 16.45
CA SER B 448 -13.23 -6.02 17.59
C SER B 448 -14.30 -4.95 17.41
N ASN B 449 -14.11 -4.00 16.50
CA ASN B 449 -15.00 -2.85 16.38
C ASN B 449 -15.69 -2.75 15.04
N LEU B 450 -14.94 -2.81 13.94
CA LEU B 450 -15.50 -2.65 12.60
C LEU B 450 -16.06 -3.97 12.05
N TYR B 451 -15.35 -5.07 12.29
CA TYR B 451 -15.76 -6.36 11.74
C TYR B 451 -17.16 -6.79 12.15
N PRO B 452 -17.62 -6.60 13.40
CA PRO B 452 -19.01 -6.96 13.71
C PRO B 452 -20.04 -6.24 12.85
N TYR B 453 -19.80 -4.97 12.52
CA TYR B 453 -20.74 -4.24 11.68
C TYR B 453 -20.63 -4.66 10.22
N LEU B 454 -19.47 -5.15 9.78
CA LEU B 454 -19.36 -5.69 8.44
C LEU B 454 -20.23 -6.94 8.28
N MET B 455 -20.30 -7.77 9.31
CA MET B 455 -21.05 -9.01 9.29
C MET B 455 -22.51 -8.82 9.67
N ARG B 456 -22.95 -7.59 9.86
CA ARG B 456 -24.27 -7.26 10.39
C ARG B 456 -25.34 -7.45 9.30
N PRO B 457 -26.52 -7.95 9.67
CA PRO B 457 -27.57 -8.18 8.66
C PRO B 457 -27.97 -6.88 7.96
N ALA B 458 -28.07 -6.94 6.64
CA ALA B 458 -28.39 -5.77 5.83
C ALA B 458 -29.55 -6.10 4.88
N ALA B 459 -30.28 -5.05 4.50
CA ALA B 459 -31.42 -5.16 3.60
C ALA B 459 -32.44 -6.18 4.11
N GLY B 460 -32.78 -6.06 5.39
CA GLY B 460 -33.72 -6.98 6.00
C GLY B 460 -33.27 -8.43 5.99
N GLY B 461 -31.98 -8.67 6.11
CA GLY B 461 -31.46 -10.03 6.10
C GLY B 461 -31.28 -10.63 4.72
N LYS B 462 -31.27 -9.81 3.67
CA LYS B 462 -31.20 -10.31 2.30
C LYS B 462 -29.88 -10.00 1.60
N PHE B 463 -28.97 -9.26 2.23
CA PHE B 463 -27.67 -8.94 1.65
C PHE B 463 -26.57 -9.48 2.54
N HIS B 464 -25.58 -10.13 1.95
CA HIS B 464 -24.49 -10.74 2.70
C HIS B 464 -23.15 -10.32 2.09
N ILE B 465 -22.25 -9.85 2.95
CA ILE B 465 -20.88 -9.53 2.55
C ILE B 465 -20.04 -10.76 2.84
N VAL B 466 -19.59 -11.43 1.77
CA VAL B 466 -18.98 -12.76 1.86
C VAL B 466 -17.56 -12.71 1.31
N GLY B 467 -16.71 -13.59 1.82
CA GLY B 467 -15.33 -13.69 1.38
C GLY B 467 -14.39 -13.80 2.56
N GLU B 468 -13.10 -13.98 2.22
CA GLU B 468 -12.08 -14.18 3.26
C GLU B 468 -12.05 -13.02 4.25
N ALA B 469 -12.30 -11.80 3.79
CA ALA B 469 -12.35 -10.67 4.71
C ALA B 469 -13.51 -10.79 5.68
N SER B 470 -14.59 -11.44 5.28
CA SER B 470 -15.75 -11.67 6.13
C SER B 470 -15.60 -12.96 6.94
N SER B 471 -14.43 -13.10 7.58
CA SER B 471 -14.08 -14.32 8.30
C SER B 471 -13.08 -13.97 9.38
N VAL B 472 -12.81 -14.95 10.24
CA VAL B 472 -11.76 -14.80 11.24
C VAL B 472 -10.49 -15.49 10.75
N HIS B 473 -10.51 -15.93 9.49
CA HIS B 473 -9.36 -16.58 8.86
C HIS B 473 -9.00 -15.81 7.58
N HIS B 474 -8.44 -14.63 7.74
CA HIS B 474 -8.03 -13.85 6.58
C HIS B 474 -6.93 -14.56 5.81
N ALA B 475 -6.93 -14.31 4.49
CA ALA B 475 -5.86 -14.74 3.59
C ALA B 475 -5.70 -16.25 3.53
N TRP B 476 -6.77 -16.98 3.81
CA TRP B 476 -6.81 -18.43 3.62
C TRP B 476 -8.09 -18.80 2.91
N ILE B 477 -8.04 -19.91 2.16
CA ILE B 477 -9.24 -20.46 1.56
C ILE B 477 -10.30 -20.74 2.61
N ILE B 478 -9.88 -21.13 3.82
CA ILE B 478 -10.83 -21.53 4.86
C ILE B 478 -11.73 -20.37 5.25
N GLY B 479 -11.18 -19.16 5.33
CA GLY B 479 -12.00 -18.01 5.65
C GLY B 479 -13.07 -17.76 4.61
N SER B 480 -12.73 -17.96 3.33
CA SER B 480 -13.71 -17.85 2.26
C SER B 480 -14.81 -18.89 2.41
N LEU B 481 -14.44 -20.12 2.74
CA LEU B 481 -15.43 -21.20 2.82
C LEU B 481 -16.32 -21.04 4.05
N GLU B 482 -15.75 -20.66 5.19
CA GLU B 482 -16.55 -20.41 6.38
C GLU B 482 -17.54 -19.28 6.13
N SER B 483 -17.08 -18.19 5.52
CA SER B 483 -17.95 -17.04 5.28
C SER B 483 -19.11 -17.41 4.35
N ALA B 484 -18.83 -18.19 3.30
CA ALA B 484 -19.89 -18.60 2.38
C ALA B 484 -20.88 -19.54 3.07
N TYR B 485 -20.38 -20.48 3.88
CA TYR B 485 -21.26 -21.37 4.63
C TYR B 485 -22.16 -20.59 5.57
N THR B 486 -21.58 -19.65 6.32
CA THR B 486 -22.37 -18.85 7.26
C THR B 486 -23.45 -18.07 6.51
N ALA B 487 -23.12 -17.52 5.35
CA ALA B 487 -24.09 -16.72 4.60
C ALA B 487 -25.25 -17.58 4.10
N VAL B 488 -24.96 -18.82 3.69
CA VAL B 488 -26.04 -19.71 3.25
C VAL B 488 -26.94 -20.07 4.42
N TYR B 489 -26.35 -20.33 5.59
CA TYR B 489 -27.14 -20.51 6.80
C TYR B 489 -28.12 -19.37 6.99
N GLN B 490 -27.63 -18.13 6.96
CA GLN B 490 -28.49 -16.98 7.22
C GLN B 490 -29.58 -16.86 6.16
N PHE B 491 -29.24 -17.20 4.91
CA PHE B 491 -30.24 -17.17 3.84
C PHE B 491 -31.37 -18.16 4.12
N LEU B 492 -31.03 -19.39 4.49
CA LEU B 492 -32.05 -20.39 4.80
C LEU B 492 -32.81 -20.02 6.06
N TYR B 493 -32.12 -19.48 7.07
CA TYR B 493 -32.79 -19.02 8.27
C TYR B 493 -33.75 -17.88 7.96
N LYS B 494 -33.32 -16.94 7.11
CA LYS B 494 -34.15 -15.78 6.78
C LYS B 494 -35.48 -16.22 6.16
N TYR B 495 -35.44 -17.20 5.27
CA TYR B 495 -36.64 -17.63 4.57
C TYR B 495 -37.29 -18.85 5.22
N LYS B 496 -36.90 -19.19 6.44
CA LYS B 496 -37.57 -20.21 7.24
C LYS B 496 -37.62 -21.56 6.53
N MET B 497 -36.60 -21.86 5.74
CA MET B 497 -36.47 -23.16 5.07
C MET B 497 -35.83 -24.15 6.03
N TRP B 498 -36.59 -24.51 7.06
CA TRP B 498 -36.02 -25.28 8.18
C TRP B 498 -35.56 -26.65 7.72
N ASP B 499 -36.28 -27.28 6.79
CA ASP B 499 -35.86 -28.57 6.27
C ASP B 499 -34.46 -28.49 5.67
N TYR B 500 -34.21 -27.45 4.86
CA TYR B 500 -32.94 -27.33 4.15
C TYR B 500 -31.85 -26.74 5.03
N LEU B 501 -32.20 -25.96 6.05
CA LEU B 501 -31.20 -25.54 7.04
C LEU B 501 -30.71 -26.74 7.84
N ARG B 502 -31.62 -27.63 8.24
CA ARG B 502 -31.21 -28.85 8.91
C ARG B 502 -30.34 -29.71 8.00
N LEU B 503 -30.66 -29.75 6.70
CA LEU B 503 -29.82 -30.48 5.76
C LEU B 503 -28.47 -29.81 5.57
N LEU B 504 -28.43 -28.47 5.65
CA LEU B 504 -27.16 -27.77 5.59
C LEU B 504 -26.25 -28.18 6.74
N LEU B 505 -26.80 -28.21 7.96
CA LEU B 505 -25.99 -28.59 9.11
C LEU B 505 -25.60 -30.05 9.07
N GLU B 506 -26.47 -30.92 8.54
CA GLU B 506 -26.16 -32.34 8.48
C GLU B 506 -25.04 -32.63 7.50
N ARG B 507 -25.04 -31.94 6.35
CA ARG B 507 -24.10 -32.27 5.29
C ARG B 507 -22.90 -31.33 5.21
N TRP B 508 -23.03 -30.08 5.67
CA TRP B 508 -22.01 -29.08 5.40
C TRP B 508 -21.37 -28.46 6.63
N GLN B 509 -21.88 -28.71 7.84
CA GLN B 509 -21.23 -28.17 9.02
C GLN B 509 -19.85 -28.77 9.21
N TYR B 510 -19.78 -30.10 9.30
CA TYR B 510 -18.52 -30.82 9.33
C TYR B 510 -18.38 -31.62 8.04
N GLY B 511 -18.18 -30.90 6.94
CA GLY B 511 -17.78 -31.60 5.75
C GLY B 511 -18.18 -31.06 4.40
N LEU B 512 -18.95 -31.86 3.67
CA LEU B 512 -18.88 -31.90 2.23
C LEU B 512 -20.21 -31.66 1.54
#